data_3GVJ
#
_entry.id   3GVJ
#
_cell.length_a   119.090
_cell.length_b   119.090
_cell.length_c   175.980
_cell.angle_alpha   90.00
_cell.angle_beta   90.00
_cell.angle_gamma   120.00
#
_symmetry.space_group_name_H-M   'H 3'
#
loop_
_entity.id
_entity.type
_entity.pdbx_description
1 polymer Endo-N-acetylneuraminidase
2 branched 'N-acetyl-alpha-neuraminic acid-(2-8)-N-acetyl-alpha-neuraminic acid-(2-8)-N-acetyl-alpha-neuraminic acid-(2-8)-N-acetyl-alpha-neuraminic acid-(2-8)-N-acetyl-beta-neuraminic acid'
3 branched 'N-acetyl-alpha-neuraminic acid-(2-8)-N-acetyl-alpha-neuraminic acid-(2-8)-N-acetyl-alpha-neuraminic acid-(2-8)-N-acetyl-beta-neuraminic acid'
4 water water
#
_entity_poly.entity_id   1
_entity_poly.type   'polypeptide(L)'
_entity_poly.pdbx_seq_one_letter_code
;VPRGSAKGDGVTDDTAALTSALNDTPVGQKINGNGKTYKVTSLPDISRFINTRFVYERIPGQPLYYASEEFVQGELFKIT
DTPYYNAWPQDKAFVYENVIYAPYMGSDRHGVSRLHVSWVKSGDDGQTWSTPEWLTDLHPDYPTVNYHCMSMGVCRNRLF
AMIETRTLAKNALTNCALWDRPMSRSLHLTGGITKAANQRYATIHVPDHGLFVGDFVNFSNSAVTGVSGDMTVATVIDKD
NFTVLTPNQQTSDLNNAGKNWHMGTSFHKSPWRKTDLGLIPSVTEVHSFATIDNNGFAMGYHQGDVAPREVGLFYFPDAF
NSPSNYVRRQIPSEYEPDASEPCIKYYDGVLYLITRGTRGDRLGSSLHRSRDIGQTWESLRFPHNVHHTTLPFAKVGDDL
IMFGSEAAENEWEAGAPDDRYKASYPRTFYARLNVNNWNADDIEWVNITDQIYQGGIVNSGVGVGSVVVKDNYIYYMFGG
EDHFNPWTYGDNSAKDPFKSDGHPSDLYCYKMKIGPDNRVSRDFRYGAVPNRAVPVFFDTNGVRTVPAPMEFTGDLGLGH
VTIRASTSSNIRSEVLMEGEYGFIGKSIPTDNPAGQRIIFCGGEGTSSTTGAQITLYGANNTDSRRIVYNGDEHLFQSAD
VKPYNDNVTALGGPSNRFTTAYLGSNPIVT
;
_entity_poly.pdbx_strand_id   A
#
loop_
_chem_comp.id
_chem_comp.type
_chem_comp.name
_chem_comp.formula
SIA D-saccharide, alpha linking 'N-acetyl-alpha-neuraminic acid' 'C11 H19 N O9'
SLB D-saccharide, beta linking 'N-acetyl-beta-neuraminic acid' 'C11 H19 N O9'
#
# COMPACT_ATOMS: atom_id res chain seq x y z
N VAL A 1 -5.05 -23.82 58.64
CA VAL A 1 -4.55 -22.64 57.94
C VAL A 1 -5.45 -22.32 56.75
N PRO A 2 -6.09 -21.16 56.78
CA PRO A 2 -6.90 -20.67 55.67
C PRO A 2 -6.12 -20.30 54.40
N ARG A 3 -6.68 -20.63 53.23
CA ARG A 3 -6.18 -20.10 51.95
C ARG A 3 -7.11 -18.97 51.54
N GLY A 4 -6.71 -18.00 50.72
CA GLY A 4 -5.88 -18.07 49.59
C GLY A 4 -6.75 -18.01 48.33
N SER A 5 -7.64 -17.05 48.21
CA SER A 5 -8.50 -17.00 47.02
C SER A 5 -8.17 -15.79 46.15
N ALA A 6 -8.30 -15.88 44.84
CA ALA A 6 -7.96 -14.75 43.95
C ALA A 6 -8.95 -13.66 44.10
N LYS A 7 -8.47 -12.45 44.34
CA LYS A 7 -9.30 -11.30 44.54
C LYS A 7 -9.66 -10.58 43.22
N GLY A 8 -8.74 -10.57 42.29
CA GLY A 8 -9.03 -9.84 41.08
C GLY A 8 -9.37 -8.36 41.24
N ASP A 9 -8.60 -7.70 42.09
CA ASP A 9 -8.75 -6.29 42.35
C ASP A 9 -7.62 -5.41 41.84
N GLY A 10 -6.71 -6.00 41.13
CA GLY A 10 -5.53 -5.33 40.60
C GLY A 10 -4.48 -4.89 41.60
N VAL A 11 -4.66 -5.24 42.86
N VAL A 11 -4.71 -5.23 42.87
CA VAL A 11 -3.75 -4.78 43.91
CA VAL A 11 -3.87 -4.76 43.97
C VAL A 11 -3.28 -5.93 44.84
C VAL A 11 -3.30 -5.95 44.74
N THR A 12 -4.19 -6.81 45.22
CA THR A 12 -3.81 -8.02 45.92
C THR A 12 -2.97 -8.89 45.01
N ASP A 13 -1.89 -9.39 45.54
CA ASP A 13 -1.05 -10.33 44.80
C ASP A 13 -1.72 -11.67 44.67
N ASP A 14 -2.26 -11.92 43.50
CA ASP A 14 -3.04 -13.08 43.24
C ASP A 14 -2.20 -14.25 42.71
N THR A 15 -0.89 -14.14 42.71
CA THR A 15 0.02 -15.14 42.15
C THR A 15 -0.19 -16.50 42.73
N ALA A 16 -0.23 -16.60 44.02
CA ALA A 16 -0.41 -17.90 44.65
C ALA A 16 -1.71 -18.59 44.32
N ALA A 17 -2.77 -17.84 44.40
CA ALA A 17 -4.09 -18.37 44.17
C ALA A 17 -4.23 -18.88 42.75
N LEU A 18 -3.75 -18.12 41.81
CA LEU A 18 -3.81 -18.53 40.43
C LEU A 18 -2.90 -19.74 40.16
N THR A 19 -1.75 -19.79 40.77
CA THR A 19 -0.92 -20.95 40.65
C THR A 19 -1.60 -22.22 41.16
N SER A 20 -2.23 -22.15 42.32
CA SER A 20 -3.00 -23.20 42.91
CA SER A 20 -2.99 -23.21 42.90
CA SER A 20 -3.00 -23.20 42.91
C SER A 20 -4.11 -23.61 41.96
N ALA A 21 -4.87 -22.64 41.48
CA ALA A 21 -5.95 -22.92 40.51
C ALA A 21 -5.47 -23.60 39.25
N LEU A 22 -4.37 -23.17 38.71
CA LEU A 22 -3.82 -23.83 37.52
C LEU A 22 -3.34 -25.26 37.82
N ASN A 23 -2.76 -25.44 38.99
CA ASN A 23 -2.30 -26.77 39.36
C ASN A 23 -3.44 -27.72 39.62
N ASP A 24 -4.57 -27.23 40.06
CA ASP A 24 -5.68 -28.04 40.45
C ASP A 24 -6.70 -28.32 39.36
N THR A 25 -6.68 -27.54 38.29
N THR A 25 -6.65 -27.56 38.28
CA THR A 25 -7.64 -27.63 37.19
CA THR A 25 -7.63 -27.59 37.19
CA THR A 25 -9.02 -25.83 37.89
C THR A 25 -7.04 -28.34 35.98
C THR A 25 -7.04 -28.30 35.96
N PRO A 26 -7.83 -29.13 35.27
CA PRO A 26 -7.42 -29.73 34.01
C PRO A 26 -6.90 -28.77 32.96
N VAL A 27 -5.84 -29.12 32.27
CA VAL A 27 -5.26 -28.16 31.35
C VAL A 27 -6.16 -27.68 30.23
N GLY A 28 -7.13 -28.48 29.85
CA GLY A 28 -8.04 -28.07 28.81
C GLY A 28 -9.21 -27.21 29.27
N GLN A 29 -9.38 -27.03 30.57
CA GLN A 29 -10.41 -26.10 31.07
C GLN A 29 -10.05 -24.62 30.80
N LYS A 30 -10.99 -23.84 30.33
CA LYS A 30 -10.78 -22.43 30.16
C LYS A 30 -11.15 -21.75 31.47
N ILE A 31 -10.19 -21.16 32.15
CA ILE A 31 -10.43 -20.53 33.42
C ILE A 31 -10.93 -19.11 33.21
N ASN A 32 -12.17 -18.86 33.64
CA ASN A 32 -12.81 -17.58 33.41
C ASN A 32 -12.51 -16.59 34.53
N GLY A 33 -11.87 -15.50 34.17
CA GLY A 33 -11.48 -14.46 35.09
C GLY A 33 -12.61 -13.48 35.42
N ASN A 34 -13.76 -13.67 34.83
CA ASN A 34 -14.91 -12.84 35.09
C ASN A 34 -14.69 -11.37 34.83
N GLY A 35 -13.82 -11.06 33.88
CA GLY A 35 -13.57 -9.70 33.49
C GLY A 35 -12.72 -8.84 34.40
N LYS A 36 -12.15 -9.51 35.36
CA LYS A 36 -11.34 -8.87 36.38
C LYS A 36 -9.86 -8.78 36.03
N THR A 37 -9.18 -7.93 36.77
CA THR A 37 -7.76 -7.74 36.63
C THR A 37 -7.05 -8.29 37.84
N TYR A 38 -6.09 -9.18 37.57
CA TYR A 38 -5.33 -9.91 38.53
C TYR A 38 -3.87 -9.48 38.56
N LYS A 39 -3.43 -8.96 39.70
CA LYS A 39 -2.04 -8.67 39.89
C LYS A 39 -1.22 -9.92 40.13
N VAL A 40 -0.11 -10.04 39.42
CA VAL A 40 0.77 -11.16 39.54
C VAL A 40 2.22 -10.69 39.53
N THR A 41 3.12 -11.53 40.03
CA THR A 41 4.55 -11.27 40.01
C THR A 41 5.31 -11.74 38.76
N SER A 42 4.67 -12.61 37.99
CA SER A 42 5.11 -13.05 36.75
CA SER A 42 5.10 -12.96 36.72
C SER A 42 3.87 -13.47 36.01
N LEU A 43 3.91 -13.41 34.71
CA LEU A 43 2.78 -13.81 33.90
C LEU A 43 2.62 -15.33 33.97
N PRO A 44 1.41 -15.77 34.18
CA PRO A 44 1.12 -17.20 34.29
C PRO A 44 0.87 -17.74 32.88
N ASP A 45 0.45 -18.99 32.77
CA ASP A 45 0.04 -19.57 31.48
C ASP A 45 -1.28 -18.94 31.01
N ILE A 46 -1.13 -17.81 30.32
CA ILE A 46 -2.23 -17.04 29.89
C ILE A 46 -3.21 -17.80 28.95
N SER A 47 -2.68 -18.74 28.26
CA SER A 47 -3.46 -19.51 27.33
C SER A 47 -4.58 -20.34 27.99
N ARG A 48 -4.50 -20.47 29.31
CA ARG A 48 -5.44 -21.27 30.02
C ARG A 48 -6.62 -20.44 30.54
N PHE A 49 -6.56 -19.15 30.27
CA PHE A 49 -7.54 -18.22 30.74
C PHE A 49 -8.40 -17.62 29.62
N ILE A 50 -9.66 -17.40 29.97
CA ILE A 50 -10.52 -16.55 29.21
C ILE A 50 -11.04 -15.38 30.05
N ASN A 51 -11.31 -14.27 29.38
CA ASN A 51 -11.97 -13.16 30.03
C ASN A 51 -11.23 -12.74 31.30
N THR A 52 -9.92 -12.62 31.14
CA THR A 52 -9.01 -12.27 32.21
C THR A 52 -7.99 -11.23 31.78
N ARG A 53 -7.68 -10.29 32.66
CA ARG A 53 -6.61 -9.38 32.47
C ARG A 53 -5.65 -9.49 33.66
N PHE A 54 -4.37 -9.47 33.35
CA PHE A 54 -3.32 -9.46 34.33
C PHE A 54 -2.62 -8.13 34.37
N VAL A 55 -2.25 -7.73 35.58
CA VAL A 55 -1.41 -6.56 35.79
C VAL A 55 -0.08 -7.01 36.40
N TYR A 56 0.98 -6.57 35.75
CA TYR A 56 2.31 -7.09 35.95
C TYR A 56 3.30 -5.96 35.76
N GLU A 57 4.23 -5.86 36.68
CA GLU A 57 5.33 -4.91 36.60
C GLU A 57 6.60 -5.63 36.22
N ARG A 58 6.80 -5.80 34.93
CA ARG A 58 8.06 -6.37 34.47
C ARG A 58 9.23 -5.57 35.00
N ILE A 59 9.09 -4.26 34.92
CA ILE A 59 9.98 -3.29 35.50
C ILE A 59 9.25 -2.70 36.69
N PRO A 60 9.86 -2.77 37.87
CA PRO A 60 9.16 -2.30 39.06
C PRO A 60 8.78 -0.84 38.92
N GLY A 61 7.53 -0.51 39.24
CA GLY A 61 7.03 0.83 39.09
C GLY A 61 6.31 1.14 37.81
N GLN A 62 6.30 0.15 36.93
CA GLN A 62 5.67 0.34 35.64
C GLN A 62 4.71 -0.79 35.31
N PRO A 63 3.53 -0.73 35.88
CA PRO A 63 2.52 -1.72 35.58
C PRO A 63 2.03 -1.65 34.15
N LEU A 64 1.90 -2.81 33.54
CA LEU A 64 1.29 -2.98 32.26
C LEU A 64 0.31 -4.11 32.37
N TYR A 65 -0.63 -4.11 31.44
CA TYR A 65 -1.74 -5.01 31.48
C TYR A 65 -1.70 -5.99 30.31
N TYR A 66 -2.13 -7.19 30.58
CA TYR A 66 -2.05 -8.27 29.64
C TYR A 66 -3.36 -9.02 29.53
N ALA A 67 -3.88 -9.14 28.32
CA ALA A 67 -5.19 -9.68 28.04
C ALA A 67 -5.14 -11.14 27.63
N SER A 68 -5.91 -11.97 28.31
CA SER A 68 -6.24 -13.29 27.84
C SER A 68 -7.19 -13.23 26.64
N GLU A 69 -7.34 -14.35 25.99
CA GLU A 69 -8.33 -14.45 24.98
C GLU A 69 -9.68 -14.09 25.55
N GLU A 70 -10.44 -13.40 24.74
CA GLU A 70 -11.81 -13.04 25.01
C GLU A 70 -12.01 -11.91 26.02
N PHE A 71 -10.97 -11.42 26.62
CA PHE A 71 -11.11 -10.31 27.50
C PHE A 71 -11.60 -9.07 26.72
N VAL A 72 -11.04 -8.89 25.55
CA VAL A 72 -11.41 -7.85 24.59
C VAL A 72 -12.11 -8.61 23.50
N GLN A 73 -13.18 -8.05 22.90
CA GLN A 73 -13.65 -8.66 21.66
C GLN A 73 -12.82 -8.13 20.48
N GLY A 74 -11.87 -8.92 20.05
CA GLY A 74 -10.95 -8.56 19.00
C GLY A 74 -10.20 -9.77 18.46
N GLU A 75 -9.54 -9.54 17.33
CA GLU A 75 -8.80 -10.53 16.60
C GLU A 75 -7.73 -9.85 15.72
N LEU A 76 -6.61 -10.50 15.60
CA LEU A 76 -5.54 -10.12 14.74
C LEU A 76 -5.70 -10.84 13.37
N PHE A 77 -5.49 -10.11 12.31
CA PHE A 77 -5.41 -10.64 10.97
C PHE A 77 -4.05 -10.29 10.35
N LYS A 78 -3.51 -11.19 9.52
CA LYS A 78 -2.40 -10.88 8.64
C LYS A 78 -3.01 -10.41 7.32
N ILE A 79 -2.55 -9.27 6.83
CA ILE A 79 -3.18 -8.62 5.70
C ILE A 79 -2.30 -8.41 4.45
N THR A 80 -0.98 -8.54 4.60
CA THR A 80 -0.13 -8.65 3.44
C THR A 80 0.78 -9.86 3.60
N ASP A 81 1.23 -10.40 2.50
CA ASP A 81 2.21 -11.45 2.56
C ASP A 81 3.01 -11.41 1.26
N THR A 82 3.92 -10.44 1.16
CA THR A 82 4.68 -10.07 0.06
CA THR A 82 4.71 -10.19 0.04
C THR A 82 6.25 -10.14 0.39
N PRO A 83 7.08 -10.37 -0.59
CA PRO A 83 8.50 -10.39 -0.31
C PRO A 83 9.15 -9.01 -0.10
N TYR A 84 8.44 -7.95 -0.42
CA TYR A 84 8.92 -6.61 -0.12
C TYR A 84 8.98 -6.40 1.35
N TYR A 85 9.78 -5.42 1.76
CA TYR A 85 9.77 -4.93 3.14
C TYR A 85 8.49 -4.08 3.28
N ASN A 86 7.46 -4.66 3.84
CA ASN A 86 6.15 -4.01 3.91
C ASN A 86 5.88 -3.53 5.34
N ALA A 87 5.85 -2.23 5.46
CA ALA A 87 5.75 -1.57 6.70
C ALA A 87 5.19 -0.17 6.48
N TRP A 88 5.16 0.56 7.58
CA TRP A 88 4.74 1.94 7.59
C TRP A 88 3.34 2.24 7.03
N PRO A 89 2.32 1.63 7.59
CA PRO A 89 1.02 2.20 7.35
C PRO A 89 0.94 3.65 7.82
N GLN A 90 1.74 3.99 8.82
CA GLN A 90 1.76 5.34 9.37
C GLN A 90 1.80 6.45 8.34
N ASP A 91 0.97 7.46 8.51
CA ASP A 91 -0.33 7.37 9.15
C ASP A 91 -1.35 7.75 8.08
N LYS A 92 -1.68 6.75 7.30
CA LYS A 92 -2.32 6.87 6.00
C LYS A 92 -3.71 6.24 5.82
N ALA A 93 -4.10 5.36 6.73
CA ALA A 93 -5.32 4.61 6.50
C ALA A 93 -6.61 5.43 6.56
N PHE A 94 -7.63 5.00 5.86
CA PHE A 94 -8.89 5.70 5.83
C PHE A 94 -9.96 4.73 5.35
N VAL A 95 -11.21 5.09 5.57
CA VAL A 95 -12.36 4.35 5.10
C VAL A 95 -13.11 5.20 4.09
N TYR A 96 -13.48 4.64 2.96
CA TYR A 96 -14.23 5.36 1.91
C TYR A 96 -15.23 4.46 1.24
N GLU A 97 -16.51 4.84 1.33
CA GLU A 97 -17.55 4.03 0.76
C GLU A 97 -17.49 2.54 1.06
N ASN A 98 -17.41 2.27 2.36
CA ASN A 98 -17.43 0.97 2.94
C ASN A 98 -16.17 0.14 2.78
N VAL A 99 -15.17 0.67 2.08
CA VAL A 99 -13.91 0.04 1.86
C VAL A 99 -12.85 0.57 2.84
N ILE A 100 -12.11 -0.32 3.42
CA ILE A 100 -11.05 0.03 4.34
C ILE A 100 -9.72 -0.04 3.57
N TYR A 101 -9.00 1.07 3.62
CA TYR A 101 -7.73 1.23 2.89
C TYR A 101 -6.56 1.21 3.86
N ALA A 102 -5.61 0.32 3.61
CA ALA A 102 -4.40 0.27 4.38
C ALA A 102 -3.20 0.61 3.50
N PRO A 103 -2.95 1.89 3.32
CA PRO A 103 -1.75 2.25 2.58
C PRO A 103 -0.49 2.02 3.42
N TYR A 104 0.58 1.80 2.70
CA TYR A 104 1.85 1.48 3.30
C TYR A 104 2.96 1.75 2.31
N MET A 105 4.16 1.43 2.72
CA MET A 105 5.29 1.49 1.80
C MET A 105 5.94 0.13 1.69
N GLY A 106 6.12 -0.33 0.46
CA GLY A 106 6.85 -1.55 0.18
C GLY A 106 8.18 -1.26 -0.45
N SER A 107 9.23 -1.54 0.29
CA SER A 107 10.56 -1.26 -0.15
C SER A 107 11.44 -2.47 0.08
N ASP A 108 12.73 -2.24 0.20
CA ASP A 108 13.67 -3.30 0.55
C ASP A 108 14.42 -3.06 1.87
N ARG A 109 14.09 -1.97 2.53
CA ARG A 109 14.75 -1.45 3.72
C ARG A 109 14.08 -0.23 4.30
N HIS A 110 14.61 0.22 5.44
CA HIS A 110 14.26 1.50 6.01
C HIS A 110 14.91 2.58 5.15
N GLY A 111 14.23 2.91 4.09
CA GLY A 111 14.75 3.79 3.10
C GLY A 111 13.88 3.64 1.87
N VAL A 112 14.18 4.37 0.81
CA VAL A 112 13.33 4.45 -0.36
C VAL A 112 13.78 3.59 -1.56
N SER A 113 14.83 2.80 -1.34
CA SER A 113 15.23 1.82 -2.31
C SER A 113 14.10 0.83 -2.62
N ARG A 114 13.85 0.64 -3.91
CA ARG A 114 12.81 -0.23 -4.47
C ARG A 114 11.40 0.12 -4.01
N LEU A 115 11.24 1.31 -3.46
CA LEU A 115 9.99 1.66 -2.81
CA LEU A 115 9.99 1.71 -2.81
C LEU A 115 8.84 2.03 -3.76
N HIS A 116 7.67 1.47 -3.48
CA HIS A 116 6.41 1.87 -4.02
C HIS A 116 5.44 2.21 -2.90
N VAL A 117 4.86 3.39 -2.92
CA VAL A 117 3.73 3.65 -2.07
C VAL A 117 2.62 2.76 -2.59
N SER A 118 2.02 2.03 -1.65
CA SER A 118 1.15 0.92 -1.90
C SER A 118 -0.10 0.98 -1.03
N TRP A 119 -1.06 0.17 -1.39
CA TRP A 119 -2.13 -0.19 -0.48
C TRP A 119 -2.71 -1.56 -0.72
N VAL A 120 -3.26 -2.12 0.33
CA VAL A 120 -4.21 -3.21 0.28
C VAL A 120 -5.53 -2.68 0.87
N LYS A 121 -6.62 -3.29 0.48
CA LYS A 121 -7.96 -2.88 0.83
C LYS A 121 -8.78 -4.06 1.32
N SER A 122 -9.81 -3.79 2.11
CA SER A 122 -10.75 -4.81 2.51
C SER A 122 -12.18 -4.35 2.19
N GLY A 123 -12.90 -5.24 1.53
CA GLY A 123 -14.27 -5.04 1.17
C GLY A 123 -15.25 -5.89 1.97
N ASP A 124 -14.74 -6.44 3.03
CA ASP A 124 -15.51 -7.26 3.92
C ASP A 124 -15.25 -7.01 5.38
N ASP A 125 -15.03 -5.77 5.68
CA ASP A 125 -14.87 -5.37 7.06
C ASP A 125 -13.67 -6.06 7.72
N GLY A 126 -12.66 -6.26 6.92
CA GLY A 126 -11.38 -6.74 7.38
C GLY A 126 -11.09 -8.23 7.48
N GLN A 127 -12.01 -9.03 7.00
CA GLN A 127 -11.83 -10.47 6.96
C GLN A 127 -10.84 -10.89 5.87
N THR A 128 -10.86 -10.25 4.73
N THR A 128 -10.90 -10.29 4.69
CA THR A 128 -9.91 -10.53 3.65
CA THR A 128 -9.93 -10.55 3.63
C THR A 128 -9.46 -9.24 3.00
C THR A 128 -9.47 -9.24 2.98
N TRP A 129 -8.32 -9.34 2.28
CA TRP A 129 -7.66 -8.14 1.78
C TRP A 129 -7.13 -8.34 0.37
N SER A 130 -7.06 -7.25 -0.36
CA SER A 130 -6.82 -7.27 -1.77
C SER A 130 -5.35 -7.45 -2.14
N THR A 131 -5.14 -7.76 -3.41
CA THR A 131 -3.83 -7.79 -4.00
C THR A 131 -3.19 -6.43 -3.92
N PRO A 132 -1.93 -6.35 -3.47
CA PRO A 132 -1.33 -5.04 -3.36
C PRO A 132 -1.39 -4.17 -4.66
N GLU A 133 -1.61 -2.89 -4.53
CA GLU A 133 -1.64 -1.97 -5.63
C GLU A 133 -0.54 -0.94 -5.40
N TRP A 134 0.29 -0.74 -6.42
CA TRP A 134 1.22 0.38 -6.42
C TRP A 134 0.58 1.71 -6.80
N LEU A 135 0.78 2.69 -5.93
CA LEU A 135 0.21 4.03 -6.11
C LEU A 135 1.17 5.02 -6.75
N THR A 136 2.46 4.71 -6.59
CA THR A 136 3.52 5.44 -7.17
C THR A 136 4.44 4.50 -7.94
N ASP A 137 5.01 5.05 -8.98
CA ASP A 137 6.10 4.46 -9.68
C ASP A 137 7.40 4.87 -9.07
N LEU A 138 8.44 4.21 -9.50
CA LEU A 138 9.75 4.63 -9.18
C LEU A 138 9.96 6.03 -9.75
N HIS A 139 10.60 6.92 -9.00
CA HIS A 139 10.84 8.28 -9.42
C HIS A 139 11.62 8.28 -10.73
N PRO A 140 11.39 9.29 -11.59
CA PRO A 140 12.09 9.34 -12.87
C PRO A 140 13.59 9.39 -12.70
N ASP A 141 14.02 9.92 -11.56
CA ASP A 141 15.46 9.98 -11.28
C ASP A 141 15.97 8.90 -10.34
N TYR A 142 15.24 7.81 -10.19
CA TYR A 142 15.77 6.61 -9.60
C TYR A 142 17.01 6.13 -10.39
N PRO A 143 18.08 5.69 -9.72
CA PRO A 143 18.15 5.45 -8.31
C PRO A 143 18.81 6.53 -7.41
N THR A 144 18.79 7.78 -7.81
CA THR A 144 19.30 8.79 -6.94
C THR A 144 18.29 9.15 -5.85
N VAL A 145 17.03 9.27 -6.25
CA VAL A 145 15.91 9.62 -5.38
C VAL A 145 14.69 8.70 -5.62
N ASN A 146 13.78 8.67 -4.67
CA ASN A 146 12.55 7.94 -4.81
C ASN A 146 11.51 8.54 -3.89
N TYR A 147 10.29 8.12 -4.09
CA TYR A 147 9.18 8.60 -3.34
C TYR A 147 9.04 7.97 -1.97
N HIS A 148 8.24 8.63 -1.16
CA HIS A 148 7.99 8.31 0.22
C HIS A 148 6.68 9.01 0.64
N CYS A 149 5.88 8.37 1.48
CA CYS A 149 4.66 8.93 1.94
C CYS A 149 4.21 8.38 3.31
N MET A 150 3.98 9.30 4.26
CA MET A 150 3.36 8.99 5.55
C MET A 150 2.12 9.83 5.86
N SER A 151 1.63 10.53 4.87
CA SER A 151 0.43 11.30 5.06
C SER A 151 -0.52 11.21 3.85
N MET A 152 -1.72 10.69 4.10
CA MET A 152 -2.72 10.42 3.08
C MET A 152 -4.15 10.40 3.70
N GLY A 153 -5.12 10.92 2.98
CA GLY A 153 -6.47 10.93 3.46
C GLY A 153 -7.40 11.40 2.38
N VAL A 154 -8.65 11.54 2.76
CA VAL A 154 -9.67 11.95 1.85
C VAL A 154 -10.30 13.27 2.29
N CYS A 155 -10.47 14.19 1.35
CA CYS A 155 -11.22 15.41 1.59
C CYS A 155 -12.13 15.71 0.39
N ARG A 156 -13.42 15.86 0.64
CA ARG A 156 -14.44 16.07 -0.32
CA ARG A 156 -14.44 16.09 -0.32
C ARG A 156 -14.27 15.24 -1.56
N ASN A 157 -14.26 13.95 -1.35
CA ASN A 157 -14.25 12.98 -2.43
C ASN A 157 -12.95 12.89 -3.28
N ARG A 158 -11.87 13.41 -2.76
CA ARG A 158 -10.56 13.29 -3.38
C ARG A 158 -9.55 12.75 -2.38
N LEU A 159 -8.69 11.89 -2.88
CA LEU A 159 -7.52 11.43 -2.15
C LEU A 159 -6.45 12.52 -2.21
N PHE A 160 -5.93 12.87 -1.06
CA PHE A 160 -4.82 13.78 -0.94
C PHE A 160 -3.61 13.08 -0.27
N ALA A 161 -2.42 13.33 -0.78
CA ALA A 161 -1.26 12.69 -0.23
C ALA A 161 -0.04 13.60 -0.30
N MET A 162 0.77 13.61 0.75
CA MET A 162 2.06 14.26 0.72
C MET A 162 3.13 13.31 0.19
N ILE A 163 3.41 13.48 -1.09
CA ILE A 163 4.39 12.67 -1.73
C ILE A 163 5.78 13.32 -1.66
N GLU A 164 6.63 12.73 -0.88
CA GLU A 164 7.98 13.20 -0.65
C GLU A 164 8.95 12.53 -1.57
N THR A 165 9.98 13.26 -1.94
CA THR A 165 11.10 12.74 -2.66
C THR A 165 12.30 12.71 -1.69
N ARG A 166 12.94 11.56 -1.58
CA ARG A 166 14.10 11.37 -0.69
C ARG A 166 15.27 10.66 -1.37
N THR A 167 16.45 10.86 -0.84
CA THR A 167 17.62 10.22 -1.39
C THR A 167 17.72 8.77 -0.96
N LEU A 168 18.18 7.94 -1.88
CA LEU A 168 18.44 6.58 -1.54
C LEU A 168 19.67 6.54 -0.63
N ALA A 169 20.63 7.40 -0.89
CA ALA A 169 21.88 7.37 -0.12
C ALA A 169 21.68 7.59 1.36
N LYS A 170 20.87 8.57 1.72
CA LYS A 170 20.71 8.94 3.10
C LYS A 170 19.31 9.12 3.61
N ASN A 171 18.31 8.88 2.78
CA ASN A 171 16.92 9.19 3.13
C ASN A 171 16.62 10.66 3.45
N ALA A 172 17.38 11.51 2.80
CA ALA A 172 17.26 12.93 2.97
C ALA A 172 16.11 13.47 2.14
N LEU A 173 15.28 14.29 2.73
CA LEU A 173 14.20 14.90 2.04
C LEU A 173 14.67 15.95 1.03
N THR A 174 14.23 15.86 -0.22
CA THR A 174 14.59 16.76 -1.28
CA THR A 174 14.59 16.81 -1.24
C THR A 174 13.36 17.57 -1.78
N ASN A 175 12.14 17.11 -1.69
CA ASN A 175 10.98 17.77 -2.24
C ASN A 175 9.72 17.27 -1.56
N CYS A 176 8.76 18.15 -1.44
CA CYS A 176 7.40 17.90 -0.98
C CYS A 176 6.40 18.30 -2.05
N ALA A 177 5.51 17.40 -2.37
CA ALA A 177 4.46 17.66 -3.31
C ALA A 177 3.14 17.16 -2.79
N LEU A 178 2.13 17.96 -2.88
CA LEU A 178 0.78 17.48 -2.65
C LEU A 178 0.20 16.84 -3.90
N TRP A 179 -0.19 15.58 -3.84
CA TRP A 179 -0.82 14.88 -4.95
C TRP A 179 -2.25 14.57 -4.57
N ASP A 180 -3.16 14.77 -5.50
CA ASP A 180 -4.56 14.45 -5.27
C ASP A 180 -5.27 13.90 -6.52
N ARG A 181 -6.31 13.14 -6.29
CA ARG A 181 -6.97 12.39 -7.32
C ARG A 181 -8.40 12.17 -6.83
N PRO A 182 -9.37 12.21 -7.72
CA PRO A 182 -10.72 11.88 -7.34
C PRO A 182 -10.87 10.39 -6.97
N MET A 183 -11.66 10.11 -5.95
CA MET A 183 -11.95 8.76 -5.55
C MET A 183 -13.06 8.20 -6.45
N SER A 184 -12.97 6.94 -6.77
CA SER A 184 -13.98 6.26 -7.61
C SER A 184 -15.27 6.06 -6.82
N ARG A 185 -16.38 6.47 -7.44
CA ARG A 185 -17.70 6.47 -6.82
CA ARG A 185 -17.71 6.46 -6.82
C ARG A 185 -18.76 6.12 -7.86
N SER A 186 -19.79 5.41 -7.46
CA SER A 186 -21.02 5.37 -8.23
C SER A 186 -22.10 6.19 -7.54
N LEU A 187 -22.72 7.09 -8.28
CA LEU A 187 -23.77 7.96 -7.78
C LEU A 187 -25.07 7.69 -8.50
N HIS A 188 -26.13 7.62 -7.72
CA HIS A 188 -27.42 7.29 -8.25
C HIS A 188 -28.28 8.48 -7.91
N LEU A 189 -28.56 9.27 -8.92
CA LEU A 189 -29.13 10.58 -8.72
C LEU A 189 -30.45 10.83 -9.46
N THR A 190 -31.15 11.89 -9.07
CA THR A 190 -32.39 12.29 -9.73
C THR A 190 -32.31 13.76 -10.15
N GLY A 191 -32.46 13.98 -11.42
CA GLY A 191 -32.42 15.31 -11.99
C GLY A 191 -31.03 15.87 -12.00
N GLY A 192 -30.92 17.12 -12.38
CA GLY A 192 -29.66 17.83 -12.29
C GLY A 192 -28.85 18.03 -13.53
N ILE A 193 -29.29 17.49 -14.66
CA ILE A 193 -28.63 17.69 -15.90
C ILE A 193 -29.47 18.58 -16.81
N THR A 194 -28.85 19.64 -17.28
CA THR A 194 -29.45 20.51 -18.27
C THR A 194 -28.59 20.71 -19.50
N LYS A 195 -29.23 20.91 -20.62
CA LYS A 195 -28.50 21.15 -21.84
C LYS A 195 -29.28 22.14 -22.68
N ALA A 196 -28.76 23.36 -22.79
CA ALA A 196 -29.35 24.39 -23.67
C ALA A 196 -29.38 24.06 -25.13
N ALA A 197 -30.48 24.45 -25.76
CA ALA A 197 -30.67 24.17 -27.15
C ALA A 197 -29.57 24.77 -28.02
N ASN A 198 -29.31 24.10 -29.12
CA ASN A 198 -28.44 24.58 -30.17
C ASN A 198 -26.99 24.77 -29.82
N GLN A 199 -26.57 24.11 -28.75
CA GLN A 199 -25.18 24.05 -28.38
C GLN A 199 -24.93 22.75 -27.62
N ARG A 200 -23.59 22.41 -27.53
N ARG A 200 -23.59 22.39 -27.56
CA ARG A 200 -23.16 21.04 -27.24
CA ARG A 200 -23.16 21.02 -27.23
C ARG A 200 -22.76 20.75 -25.79
C ARG A 200 -22.89 20.73 -25.75
N TYR A 201 -22.81 21.76 -24.88
CA TYR A 201 -22.38 21.53 -23.51
C TYR A 201 -23.58 21.29 -22.59
N ALA A 202 -23.36 20.44 -21.59
CA ALA A 202 -24.38 20.10 -20.61
C ALA A 202 -23.86 20.41 -19.23
N THR A 203 -24.72 20.89 -18.36
CA THR A 203 -24.36 21.22 -17.00
C THR A 203 -24.91 20.12 -16.09
N ILE A 204 -24.01 19.58 -15.29
CA ILE A 204 -24.23 18.47 -14.37
C ILE A 204 -24.19 18.97 -12.91
N HIS A 205 -25.33 18.85 -12.22
CA HIS A 205 -25.39 19.16 -10.82
C HIS A 205 -25.10 17.92 -9.96
N VAL A 206 -23.96 17.95 -9.30
CA VAL A 206 -23.47 16.91 -8.40
C VAL A 206 -22.81 17.58 -7.20
N PRO A 207 -23.54 17.68 -6.10
CA PRO A 207 -22.99 18.37 -4.96
C PRO A 207 -21.64 17.80 -4.50
N ASP A 208 -20.74 18.70 -4.16
CA ASP A 208 -19.44 18.37 -3.63
C ASP A 208 -18.77 17.29 -4.48
N HIS A 209 -18.73 17.50 -5.76
CA HIS A 209 -18.29 16.49 -6.68
C HIS A 209 -16.80 16.20 -6.55
N GLY A 210 -16.08 17.21 -6.18
CA GLY A 210 -14.65 17.09 -6.02
C GLY A 210 -13.88 16.88 -7.28
N LEU A 211 -14.47 17.19 -8.42
CA LEU A 211 -13.81 16.99 -9.67
C LEU A 211 -13.16 18.27 -10.21
N PHE A 212 -12.12 18.06 -10.98
CA PHE A 212 -11.44 19.09 -11.73
C PHE A 212 -11.56 18.84 -13.23
N VAL A 213 -11.33 19.89 -14.01
CA VAL A 213 -11.28 19.78 -15.44
C VAL A 213 -10.29 18.67 -15.83
N GLY A 214 -10.74 17.81 -16.75
CA GLY A 214 -9.99 16.69 -17.23
C GLY A 214 -10.26 15.38 -16.48
N ASP A 215 -11.01 15.47 -15.42
CA ASP A 215 -11.29 14.24 -14.68
C ASP A 215 -12.36 13.40 -15.37
N PHE A 216 -12.32 12.12 -15.11
CA PHE A 216 -13.20 11.13 -15.74
C PHE A 216 -14.60 11.15 -15.15
N VAL A 217 -15.59 11.06 -16.03
CA VAL A 217 -16.99 10.96 -15.63
C VAL A 217 -17.76 10.09 -16.60
N ASN A 218 -18.45 9.10 -16.06
CA ASN A 218 -19.24 8.19 -16.84
C ASN A 218 -20.72 8.38 -16.54
N PHE A 219 -21.56 8.39 -17.58
CA PHE A 219 -22.98 8.62 -17.41
C PHE A 219 -23.83 7.47 -17.96
N SER A 220 -24.91 7.15 -17.26
CA SER A 220 -25.88 6.17 -17.73
C SER A 220 -27.31 6.68 -17.44
N ASN A 221 -28.19 6.43 -18.41
CA ASN A 221 -29.59 6.76 -18.30
C ASN A 221 -29.87 8.24 -18.01
N SER A 222 -29.09 9.12 -18.58
CA SER A 222 -29.18 10.56 -18.29
C SER A 222 -30.48 11.24 -18.75
N ALA A 223 -31.06 10.68 -19.80
CA ALA A 223 -32.22 11.22 -20.51
C ALA A 223 -31.88 12.63 -21.06
N VAL A 224 -30.59 12.87 -21.24
CA VAL A 224 -30.07 14.11 -21.81
C VAL A 224 -29.12 13.77 -22.93
N THR A 225 -29.63 13.82 -24.15
CA THR A 225 -28.93 13.33 -25.29
C THR A 225 -27.49 13.82 -25.34
N GLY A 226 -26.56 12.91 -25.52
CA GLY A 226 -25.16 13.24 -25.65
C GLY A 226 -24.40 13.12 -24.33
N VAL A 227 -25.11 13.19 -23.22
CA VAL A 227 -24.54 12.97 -21.90
C VAL A 227 -24.67 11.45 -21.65
N SER A 228 -23.62 10.74 -22.00
CA SER A 228 -23.64 9.31 -22.13
C SER A 228 -22.26 8.73 -22.20
N GLY A 229 -22.04 7.69 -21.41
CA GLY A 229 -20.81 6.98 -21.55
C GLY A 229 -19.65 7.66 -20.89
N ASP A 230 -18.46 7.28 -21.31
CA ASP A 230 -17.25 7.81 -20.77
C ASP A 230 -16.99 9.20 -21.31
N MET A 231 -16.88 10.15 -20.42
CA MET A 231 -16.74 11.56 -20.71
C MET A 231 -15.68 12.16 -19.75
N THR A 232 -15.40 13.45 -19.93
CA THR A 232 -14.52 14.16 -19.04
C THR A 232 -15.10 15.52 -18.68
N VAL A 233 -14.68 16.06 -17.55
CA VAL A 233 -15.13 17.37 -17.15
C VAL A 233 -14.52 18.47 -18.03
N ALA A 234 -15.36 19.32 -18.61
CA ALA A 234 -14.87 20.37 -19.52
C ALA A 234 -14.62 21.66 -18.77
N THR A 235 -15.46 21.94 -17.81
CA THR A 235 -15.36 23.07 -16.94
C THR A 235 -15.93 22.72 -15.58
N VAL A 236 -15.46 23.44 -14.58
CA VAL A 236 -16.05 23.43 -13.28
C VAL A 236 -16.65 24.81 -12.98
N ILE A 237 -17.96 24.85 -12.80
CA ILE A 237 -18.71 26.10 -12.51
C ILE A 237 -18.54 26.48 -11.04
N ASP A 238 -18.77 25.51 -10.17
CA ASP A 238 -18.54 25.70 -8.76
C ASP A 238 -18.43 24.30 -8.11
N LYS A 239 -18.40 24.28 -6.80
CA LYS A 239 -18.21 23.01 -6.09
C LYS A 239 -19.26 21.98 -6.35
N ASP A 240 -20.42 22.41 -6.82
CA ASP A 240 -21.57 21.55 -6.97
C ASP A 240 -22.03 21.37 -8.43
N ASN A 241 -21.35 22.03 -9.35
CA ASN A 241 -21.76 22.02 -10.75
C ASN A 241 -20.55 22.02 -11.70
N PHE A 242 -20.64 21.25 -12.76
CA PHE A 242 -19.59 21.18 -13.73
C PHE A 242 -20.24 20.98 -15.12
N THR A 243 -19.51 21.18 -16.20
CA THR A 243 -20.01 20.88 -17.51
C THR A 243 -19.18 19.83 -18.26
N VAL A 244 -19.84 19.19 -19.22
CA VAL A 244 -19.23 18.30 -20.17
C VAL A 244 -19.54 18.70 -21.62
N LEU A 245 -18.65 18.40 -22.53
CA LEU A 245 -18.89 18.52 -23.95
C LEU A 245 -19.49 17.25 -24.53
N THR A 246 -20.73 17.35 -24.96
CA THR A 246 -21.36 16.27 -25.70
C THR A 246 -21.06 16.37 -27.19
N PRO A 247 -21.28 15.29 -27.89
CA PRO A 247 -21.01 15.24 -29.33
C PRO A 247 -22.14 15.77 -30.26
N ASN A 248 -23.22 16.28 -29.69
CA ASN A 248 -24.39 16.66 -30.49
C ASN A 248 -25.20 17.80 -29.89
N GLN A 249 -26.16 18.32 -30.66
CA GLN A 249 -27.01 19.40 -30.20
C GLN A 249 -28.43 19.18 -30.69
N GLN A 250 -29.35 19.74 -29.94
CA GLN A 250 -30.76 19.54 -30.11
C GLN A 250 -31.45 20.91 -30.22
N THR A 251 -32.63 20.96 -30.80
CA THR A 251 -33.26 22.24 -31.04
C THR A 251 -34.07 22.76 -29.90
N SER A 252 -34.24 21.96 -28.86
CA SER A 252 -34.87 22.45 -27.66
C SER A 252 -34.04 22.15 -26.44
N ASP A 253 -34.36 22.86 -25.38
CA ASP A 253 -33.66 22.75 -24.12
C ASP A 253 -33.96 21.36 -23.56
N LEU A 254 -33.01 20.75 -22.86
CA LEU A 254 -33.22 19.45 -22.21
C LEU A 254 -32.96 19.59 -20.73
N ASN A 255 -33.69 18.85 -19.93
CA ASN A 255 -33.66 18.95 -18.50
C ASN A 255 -34.20 17.61 -17.96
N ASN A 256 -33.38 16.83 -17.25
CA ASN A 256 -33.76 15.52 -16.75
C ASN A 256 -34.37 15.50 -15.37
N ALA A 257 -34.96 16.60 -14.95
CA ALA A 257 -35.66 16.66 -13.69
C ALA A 257 -36.64 15.51 -13.56
N GLY A 258 -36.64 14.92 -12.38
CA GLY A 258 -37.45 13.77 -12.04
C GLY A 258 -36.98 12.42 -12.56
N LYS A 259 -35.93 12.43 -13.35
CA LYS A 259 -35.45 11.20 -13.96
CA LYS A 259 -35.42 11.21 -14.00
CA LYS A 259 -35.43 11.22 -13.99
C LYS A 259 -34.24 10.64 -13.20
N ASN A 260 -34.20 9.34 -13.08
CA ASN A 260 -33.17 8.64 -12.31
C ASN A 260 -32.01 8.18 -13.20
N TRP A 261 -30.80 8.58 -12.84
CA TRP A 261 -29.64 8.32 -13.66
C TRP A 261 -28.46 7.94 -12.81
N HIS A 262 -27.36 7.66 -13.45
CA HIS A 262 -26.14 7.24 -12.74
C HIS A 262 -24.89 7.88 -13.27
N MET A 263 -24.02 8.22 -12.34
CA MET A 263 -22.69 8.73 -12.64
C MET A 263 -21.62 7.89 -11.94
N GLY A 264 -20.37 7.59 -11.87
N GLY A 264 -20.36 7.59 -11.87
CA GLY A 264 -19.63 8.26 -12.91
CA GLY A 264 -19.63 8.18 -12.95
C GLY A 264 -18.11 8.22 -12.76
C GLY A 264 -18.14 8.45 -12.73
N THR A 265 -17.46 8.23 -11.42
CA THR A 265 -16.10 8.75 -11.35
C THR A 265 -15.08 7.62 -11.34
N SER A 266 -13.82 8.01 -11.55
CA SER A 266 -12.65 7.09 -11.60
C SER A 266 -11.32 7.69 -11.17
N PHE A 267 -10.80 7.15 -10.09
CA PHE A 267 -9.43 7.40 -9.68
C PHE A 267 -8.45 7.02 -10.77
N HIS A 268 -8.59 5.84 -11.30
CA HIS A 268 -7.64 5.35 -12.25
C HIS A 268 -7.61 6.02 -13.62
N LYS A 269 -8.73 6.50 -14.07
CA LYS A 269 -8.77 7.22 -15.35
C LYS A 269 -8.71 8.73 -15.23
N SER A 270 -8.45 9.23 -14.05
CA SER A 270 -8.18 10.63 -13.79
C SER A 270 -6.72 10.86 -13.43
N PRO A 271 -6.13 11.95 -13.88
CA PRO A 271 -4.72 12.19 -13.54
C PRO A 271 -4.60 12.69 -12.13
N TRP A 272 -3.43 12.52 -11.56
CA TRP A 272 -3.10 13.23 -10.38
C TRP A 272 -2.99 14.72 -10.69
N ARG A 273 -3.40 15.51 -9.75
CA ARG A 273 -2.97 16.90 -9.69
C ARG A 273 -1.80 16.89 -8.77
N LYS A 274 -0.69 17.43 -9.22
CA LYS A 274 0.49 17.46 -8.44
C LYS A 274 0.87 18.90 -8.19
N THR A 275 0.96 19.26 -6.94
CA THR A 275 1.30 20.62 -6.56
C THR A 275 2.63 20.59 -5.84
N ASP A 276 3.65 21.13 -6.50
CA ASP A 276 4.98 21.21 -5.95
C ASP A 276 5.07 22.21 -4.86
N LEU A 277 5.52 21.79 -3.69
CA LEU A 277 5.67 22.67 -2.55
C LEU A 277 7.12 22.95 -2.26
N GLY A 278 7.99 22.41 -3.08
CA GLY A 278 9.41 22.52 -2.91
C GLY A 278 9.95 21.76 -1.73
N LEU A 279 11.16 22.10 -1.32
CA LEU A 279 11.68 21.57 -0.10
C LEU A 279 11.19 22.43 1.06
N ILE A 280 10.07 22.07 1.63
CA ILE A 280 9.54 22.79 2.73
C ILE A 280 10.62 22.89 3.83
N PRO A 281 10.92 24.10 4.25
CA PRO A 281 11.97 24.27 5.21
C PRO A 281 11.62 23.70 6.61
N SER A 282 12.64 23.29 7.30
CA SER A 282 12.51 22.69 8.60
C SER A 282 11.50 21.56 8.70
N VAL A 283 11.62 20.59 7.82
CA VAL A 283 10.74 19.45 7.83
C VAL A 283 11.59 18.21 7.60
N THR A 284 11.43 17.22 8.48
CA THR A 284 12.03 15.94 8.28
C THR A 284 11.06 14.97 7.60
N GLU A 285 9.82 14.91 8.10
CA GLU A 285 8.78 14.01 7.59
C GLU A 285 7.44 14.73 7.71
N VAL A 286 6.57 14.54 6.74
CA VAL A 286 5.17 14.89 6.86
C VAL A 286 4.43 13.55 7.19
N HIS A 287 3.58 13.58 8.18
CA HIS A 287 3.03 12.36 8.77
C HIS A 287 1.62 12.62 9.37
N SER A 288 0.68 11.79 8.95
CA SER A 288 -0.69 11.81 9.43
C SER A 288 -1.50 12.89 8.73
N PHE A 289 -2.82 12.75 8.85
CA PHE A 289 -3.81 13.46 8.09
C PHE A 289 -5.09 13.58 8.90
N ALA A 290 -5.61 14.79 8.96
CA ALA A 290 -6.85 15.12 9.61
C ALA A 290 -7.69 15.98 8.72
N THR A 291 -8.78 15.41 8.22
CA THR A 291 -9.75 16.15 7.45
C THR A 291 -10.41 17.14 8.42
N ILE A 292 -10.52 18.40 8.01
CA ILE A 292 -11.06 19.43 8.84
C ILE A 292 -12.49 19.74 8.41
N ASP A 293 -12.64 19.99 7.13
CA ASP A 293 -13.97 20.28 6.61
C ASP A 293 -14.11 19.98 5.12
N ASN A 294 -15.05 20.61 4.45
CA ASN A 294 -15.26 20.38 3.02
C ASN A 294 -14.18 20.97 2.11
N ASN A 295 -13.30 21.77 2.67
CA ASN A 295 -12.38 22.53 1.86
C ASN A 295 -10.92 22.14 2.09
N GLY A 296 -10.62 21.59 3.25
CA GLY A 296 -9.25 21.31 3.64
C GLY A 296 -9.03 20.39 4.82
N PHE A 297 -7.79 20.38 5.27
CA PHE A 297 -7.23 19.34 6.11
C PHE A 297 -5.89 19.77 6.67
N ALA A 298 -5.40 19.01 7.61
CA ALA A 298 -4.12 19.23 8.22
C ALA A 298 -3.24 17.98 8.02
N MET A 299 -1.94 18.19 7.95
CA MET A 299 -1.00 17.10 7.89
C MET A 299 0.04 17.33 8.99
N GLY A 300 0.41 16.30 9.70
CA GLY A 300 1.47 16.39 10.66
C GLY A 300 2.87 16.51 10.10
N TYR A 301 3.78 16.96 10.93
CA TYR A 301 5.16 17.02 10.57
C TYR A 301 6.04 17.08 11.80
N HIS A 302 7.31 16.81 11.61
CA HIS A 302 8.33 17.07 12.60
C HIS A 302 9.61 17.41 11.88
N GLN A 303 10.48 18.11 12.59
CA GLN A 303 11.82 18.33 12.15
C GLN A 303 12.70 17.84 13.27
N GLY A 304 13.56 16.90 12.96
CA GLY A 304 14.37 16.25 13.94
C GLY A 304 15.80 16.06 13.56
N ASP A 305 16.28 16.81 12.60
CA ASP A 305 17.67 16.69 12.22
C ASP A 305 18.55 17.77 12.85
N VAL A 306 18.00 18.94 13.17
CA VAL A 306 18.74 20.04 13.72
C VAL A 306 17.97 20.91 14.71
N ALA A 307 18.67 21.51 15.67
CA ALA A 307 18.07 22.28 16.73
C ALA A 307 17.58 23.57 16.27
N PRO A 308 16.42 23.95 16.77
CA PRO A 308 15.71 23.06 17.69
C PRO A 308 14.67 22.18 16.96
N ARG A 309 14.38 21.01 17.52
CA ARG A 309 13.35 20.10 17.01
CA ARG A 309 13.38 20.12 16.96
CA ARG A 309 13.38 20.12 16.96
C ARG A 309 12.01 20.80 16.92
N GLU A 310 11.25 20.51 15.87
CA GLU A 310 9.90 20.98 15.72
C GLU A 310 8.95 19.80 15.62
N VAL A 311 7.73 19.99 16.10
CA VAL A 311 6.63 19.06 15.93
C VAL A 311 5.36 19.88 15.79
N GLY A 312 4.54 19.57 14.82
CA GLY A 312 3.31 20.25 14.65
C GLY A 312 2.52 19.75 13.48
N LEU A 313 1.89 20.66 12.80
CA LEU A 313 1.07 20.34 11.68
C LEU A 313 1.10 21.46 10.65
N PHE A 314 0.74 21.12 9.43
CA PHE A 314 0.50 22.05 8.35
C PHE A 314 -1.00 22.01 8.02
N TYR A 315 -1.69 23.16 8.11
CA TYR A 315 -3.09 23.29 7.82
C TYR A 315 -3.26 23.89 6.42
N PHE A 316 -3.95 23.17 5.56
CA PHE A 316 -4.27 23.61 4.22
C PHE A 316 -5.75 24.02 4.22
N PRO A 317 -6.05 25.30 4.33
CA PRO A 317 -7.42 25.68 4.58
C PRO A 317 -8.39 25.45 3.42
N ASP A 318 -7.91 25.65 2.20
CA ASP A 318 -8.64 25.41 0.97
C ASP A 318 -7.73 24.70 -0.04
N ALA A 319 -7.69 23.40 0.04
CA ALA A 319 -6.80 22.64 -0.74
C ALA A 319 -7.27 22.45 -2.17
N PHE A 320 -8.54 22.77 -2.39
CA PHE A 320 -9.18 22.66 -3.69
C PHE A 320 -8.76 23.81 -4.62
N ASN A 321 -8.93 25.01 -4.12
CA ASN A 321 -8.61 26.21 -4.85
C ASN A 321 -7.16 26.62 -4.69
N SER A 322 -6.61 26.30 -3.54
CA SER A 322 -5.26 26.72 -3.22
C SER A 322 -4.39 25.63 -2.56
N PRO A 323 -4.04 24.62 -3.31
CA PRO A 323 -3.24 23.52 -2.76
C PRO A 323 -1.85 23.90 -2.24
N SER A 324 -1.36 25.04 -2.67
CA SER A 324 -0.03 25.43 -2.32
C SER A 324 0.02 26.27 -1.07
N ASN A 325 -1.13 26.64 -0.55
N ASN A 325 -1.14 26.63 -0.56
CA ASN A 325 -1.22 27.49 0.63
CA ASN A 325 -1.25 27.48 0.63
C ASN A 325 -1.49 26.70 1.91
C ASN A 325 -1.49 26.69 1.90
N TYR A 326 -0.54 26.74 2.83
CA TYR A 326 -0.64 26.10 4.13
C TYR A 326 -0.02 26.95 5.22
N VAL A 327 -0.36 26.66 6.45
CA VAL A 327 0.14 27.33 7.62
C VAL A 327 0.71 26.33 8.60
N ARG A 328 1.91 26.59 9.04
CA ARG A 328 2.64 25.86 10.03
C ARG A 328 2.17 26.21 11.43
N ARG A 329 1.88 25.19 12.20
CA ARG A 329 1.45 25.29 13.55
C ARG A 329 2.20 24.28 14.41
N GLN A 330 2.90 24.74 15.45
CA GLN A 330 3.67 23.88 16.33
C GLN A 330 2.99 23.62 17.66
N ILE A 331 3.27 22.48 18.24
CA ILE A 331 2.83 22.19 19.58
C ILE A 331 3.70 23.01 20.56
N PRO A 332 3.39 23.03 21.85
CA PRO A 332 4.15 23.83 22.82
C PRO A 332 5.60 23.33 22.89
N SER A 333 6.52 24.26 22.93
CA SER A 333 7.91 23.97 22.88
C SER A 333 8.45 22.94 23.90
N GLU A 334 7.88 22.88 25.09
CA GLU A 334 8.12 22.02 26.08
CA GLU A 334 8.28 22.03 26.02
C GLU A 334 7.95 20.64 25.54
N TYR A 335 7.16 20.38 24.54
CA TYR A 335 6.84 19.01 24.20
C TYR A 335 7.55 18.58 22.95
N GLU A 336 8.35 19.44 22.36
CA GLU A 336 9.03 19.17 21.10
C GLU A 336 10.32 18.34 21.23
N PRO A 337 11.05 18.47 22.34
CA PRO A 337 12.27 17.68 22.42
C PRO A 337 11.92 16.20 22.41
N ASP A 338 12.74 15.44 21.75
CA ASP A 338 12.67 14.01 21.73
C ASP A 338 11.35 13.48 21.19
N ALA A 339 10.80 14.17 20.22
CA ALA A 339 9.48 13.87 19.70
C ALA A 339 9.47 13.90 18.17
N SER A 340 8.60 13.10 17.57
CA SER A 340 8.48 13.00 16.13
C SER A 340 7.11 12.45 15.75
N GLU A 341 6.88 12.43 14.45
CA GLU A 341 5.78 11.73 13.85
C GLU A 341 4.45 11.84 14.60
N PRO A 342 3.87 13.03 14.60
CA PRO A 342 2.60 13.18 15.30
C PRO A 342 1.45 12.52 14.54
N CYS A 343 0.51 11.96 15.27
CA CYS A 343 -0.72 11.46 14.69
C CYS A 343 -1.76 12.52 14.99
N ILE A 344 -2.50 12.97 13.97
CA ILE A 344 -3.55 13.94 14.16
C ILE A 344 -4.91 13.48 13.68
N LYS A 345 -5.92 13.86 14.45
CA LYS A 345 -7.32 13.67 14.14
C LYS A 345 -8.17 14.83 14.61
N TYR A 346 -9.25 15.05 13.88
CA TYR A 346 -10.23 16.10 14.16
C TYR A 346 -11.63 15.57 14.39
N TYR A 347 -12.13 15.90 15.57
CA TYR A 347 -13.45 15.51 16.00
C TYR A 347 -14.17 16.61 16.72
N ASP A 348 -15.32 16.94 16.21
CA ASP A 348 -16.23 17.85 16.86
C ASP A 348 -15.56 19.17 17.22
N GLY A 349 -14.76 19.66 16.29
CA GLY A 349 -14.10 20.95 16.46
C GLY A 349 -12.83 20.94 17.28
N VAL A 350 -12.39 19.75 17.64
CA VAL A 350 -11.18 19.57 18.41
C VAL A 350 -10.15 18.81 17.60
N LEU A 351 -8.97 19.37 17.50
CA LEU A 351 -7.83 18.74 16.87
CA LEU A 351 -7.83 18.74 16.86
C LEU A 351 -6.96 18.07 17.93
N TYR A 352 -6.80 16.75 17.85
CA TYR A 352 -6.00 15.98 18.76
C TYR A 352 -4.72 15.56 18.09
N LEU A 353 -3.65 15.69 18.81
CA LEU A 353 -2.32 15.34 18.35
C LEU A 353 -1.53 14.52 19.39
N ILE A 354 -1.01 13.37 18.98
CA ILE A 354 -0.16 12.52 19.79
C ILE A 354 1.22 12.31 19.17
N THR A 355 2.27 12.61 19.91
CA THR A 355 3.63 12.38 19.45
C THR A 355 4.20 10.98 19.71
N ARG A 356 5.24 10.70 18.95
CA ARG A 356 6.17 9.65 19.17
C ARG A 356 7.37 10.19 19.95
N GLY A 357 7.74 9.47 20.96
CA GLY A 357 8.92 9.77 21.73
C GLY A 357 10.10 9.06 21.10
N THR A 358 11.25 9.66 21.14
CA THR A 358 12.43 9.10 20.50
C THR A 358 13.41 8.41 21.41
N ARG A 359 13.24 8.52 22.72
CA ARG A 359 14.18 7.97 23.69
C ARG A 359 13.46 7.49 24.88
N GLY A 360 13.81 6.32 25.37
CA GLY A 360 13.18 5.82 26.56
C GLY A 360 13.70 6.34 27.88
N ASP A 361 14.74 7.18 27.80
CA ASP A 361 15.32 7.83 28.97
C ASP A 361 15.05 9.32 29.09
N ARG A 362 14.12 9.81 28.28
CA ARG A 362 13.62 11.16 28.37
C ARG A 362 12.12 11.16 28.18
N LEU A 363 11.46 12.22 28.62
CA LEU A 363 10.02 12.37 28.52
C LEU A 363 9.62 12.05 27.09
N GLY A 364 8.59 11.25 26.96
CA GLY A 364 8.12 10.70 25.71
C GLY A 364 6.78 11.21 25.19
N SER A 365 6.04 10.30 24.58
CA SER A 365 4.81 10.65 23.94
C SER A 365 3.99 11.60 24.78
N SER A 366 3.40 12.58 24.11
CA SER A 366 2.46 13.50 24.70
C SER A 366 1.26 13.69 23.78
N LEU A 367 0.18 14.09 24.41
CA LEU A 367 -1.12 14.32 23.84
C LEU A 367 -1.56 15.79 23.95
N HIS A 368 -2.12 16.29 22.89
CA HIS A 368 -2.48 17.69 22.79
C HIS A 368 -3.82 17.87 22.10
N ARG A 369 -4.57 18.83 22.57
CA ARG A 369 -5.81 19.16 21.94
C ARG A 369 -5.93 20.67 21.72
N SER A 370 -6.54 21.02 20.63
CA SER A 370 -6.72 22.42 20.20
C SER A 370 -8.09 22.66 19.62
N ARG A 371 -8.67 23.81 19.93
N ARG A 371 -8.67 23.81 19.95
CA ARG A 371 -9.95 24.19 19.35
CA ARG A 371 -9.95 24.20 19.36
C ARG A 371 -9.81 25.25 18.26
C ARG A 371 -9.79 25.35 18.37
N ASP A 372 -8.56 25.53 17.90
CA ASP A 372 -8.26 26.52 16.91
C ASP A 372 -7.28 26.07 15.84
N ILE A 373 -7.31 24.77 15.56
CA ILE A 373 -6.47 24.15 14.56
C ILE A 373 -4.99 24.39 14.76
N GLY A 374 -4.61 24.35 16.01
CA GLY A 374 -3.23 24.32 16.39
C GLY A 374 -2.58 25.60 16.80
N GLN A 375 -3.39 26.61 16.97
CA GLN A 375 -2.85 27.87 17.38
C GLN A 375 -2.62 27.88 18.90
N THR A 376 -3.54 27.29 19.64
CA THR A 376 -3.38 27.08 21.06
C THR A 376 -3.69 25.62 21.38
N TRP A 377 -3.13 25.17 22.48
CA TRP A 377 -3.18 23.78 22.84
C TRP A 377 -3.35 23.56 24.35
N GLU A 378 -4.03 22.51 24.70
CA GLU A 378 -3.92 21.92 26.00
C GLU A 378 -3.17 20.58 25.89
N SER A 379 -2.35 20.29 26.86
CA SER A 379 -1.38 19.22 26.76
C SER A 379 -1.26 18.27 27.95
N LEU A 380 -0.75 17.08 27.69
CA LEU A 380 -0.48 16.10 28.69
C LEU A 380 0.62 15.16 28.27
N ARG A 381 1.37 14.67 29.23
CA ARG A 381 2.44 13.73 29.00
C ARG A 381 2.05 12.37 29.48
N PHE A 382 2.22 11.35 28.64
CA PHE A 382 2.01 9.98 29.05
C PHE A 382 3.14 9.65 30.02
N PRO A 383 2.84 8.87 31.04
CA PRO A 383 3.86 8.48 31.99
C PRO A 383 4.85 7.52 31.40
N HIS A 384 6.06 7.54 31.92
CA HIS A 384 6.98 6.48 31.66
C HIS A 384 7.57 6.47 30.25
N ASN A 385 7.76 7.65 29.72
CA ASN A 385 8.61 7.83 28.55
C ASN A 385 8.22 6.88 27.40
N VAL A 386 6.96 6.95 26.99
CA VAL A 386 6.51 6.19 25.88
C VAL A 386 7.31 6.62 24.68
N HIS A 387 7.86 5.63 24.01
CA HIS A 387 8.85 5.88 22.96
C HIS A 387 8.91 4.79 21.87
N HIS A 388 9.44 5.18 20.72
CA HIS A 388 9.69 4.33 19.56
C HIS A 388 8.46 3.95 18.82
N THR A 389 7.30 4.29 19.33
CA THR A 389 6.06 3.99 18.64
C THR A 389 5.31 5.26 18.33
N THR A 390 4.64 5.26 17.21
CA THR A 390 3.57 6.19 17.01
C THR A 390 2.34 5.68 17.72
N LEU A 391 1.39 6.56 17.93
CA LEU A 391 0.21 6.23 18.65
C LEU A 391 -1.03 6.66 17.90
N PRO A 392 -1.26 5.99 16.80
CA PRO A 392 -2.47 6.29 16.05
C PRO A 392 -3.68 5.97 16.85
N PHE A 393 -4.77 6.65 16.58
CA PHE A 393 -5.92 6.69 17.42
C PHE A 393 -7.16 7.14 16.67
N ALA A 394 -8.29 6.90 17.30
CA ALA A 394 -9.59 7.41 16.95
C ALA A 394 -10.33 7.79 18.23
N LYS A 395 -11.36 8.59 18.09
CA LYS A 395 -12.21 8.96 19.21
C LYS A 395 -13.53 8.23 19.07
N VAL A 396 -13.85 7.49 20.11
CA VAL A 396 -15.08 6.77 20.17
C VAL A 396 -15.78 7.11 21.49
N GLY A 397 -16.90 7.81 21.38
CA GLY A 397 -17.49 8.42 22.53
C GLY A 397 -16.58 9.41 23.21
N ASP A 398 -16.43 9.26 24.50
CA ASP A 398 -15.60 10.15 25.27
C ASP A 398 -14.14 9.70 25.34
N ASP A 399 -13.81 8.61 24.66
CA ASP A 399 -12.47 8.06 24.73
C ASP A 399 -11.67 8.23 23.44
N LEU A 400 -10.39 8.56 23.55
CA LEU A 400 -9.43 8.30 22.52
C LEU A 400 -9.00 6.84 22.74
N ILE A 401 -8.97 6.08 21.67
CA ILE A 401 -8.54 4.70 21.72
C ILE A 401 -7.29 4.70 20.85
N MET A 402 -6.15 4.46 21.48
CA MET A 402 -4.88 4.52 20.83
C MET A 402 -4.21 3.20 20.85
N PHE A 403 -3.38 3.00 19.82
CA PHE A 403 -2.64 1.77 19.67
C PHE A 403 -1.13 2.05 19.45
N GLY A 404 -0.31 1.19 20.01
CA GLY A 404 1.11 1.22 19.85
C GLY A 404 1.78 -0.13 19.94
N SER A 405 3.02 -0.20 19.50
CA SER A 405 3.79 -1.39 19.46
C SER A 405 5.26 -1.12 19.76
N GLU A 406 5.86 -1.89 20.65
CA GLU A 406 7.30 -1.85 20.82
C GLU A 406 7.86 -2.48 19.51
N ALA A 407 9.05 -2.02 19.13
CA ALA A 407 9.67 -2.48 17.92
C ALA A 407 10.35 -3.82 18.11
N ALA A 408 10.75 -4.09 19.34
CA ALA A 408 11.34 -5.35 19.71
C ALA A 408 10.94 -5.61 21.13
N GLU A 409 10.97 -6.84 21.58
CA GLU A 409 10.52 -7.20 22.90
C GLU A 409 11.27 -6.47 24.04
N ASN A 410 10.50 -6.04 25.01
CA ASN A 410 11.01 -5.40 26.22
C ASN A 410 11.67 -4.06 26.06
N GLU A 411 11.24 -3.34 25.07
CA GLU A 411 11.62 -1.94 24.86
C GLU A 411 10.61 -0.92 25.32
N TRP A 412 9.40 -1.34 25.62
CA TRP A 412 8.34 -0.37 25.94
C TRP A 412 8.61 0.59 27.14
N GLU A 413 9.11 0.02 28.18
CA GLU A 413 9.22 0.72 29.44
C GLU A 413 10.26 1.81 29.44
N ALA A 414 10.04 2.77 30.33
CA ALA A 414 11.01 3.82 30.54
C ALA A 414 12.27 3.18 31.03
N GLY A 415 13.38 3.60 30.48
CA GLY A 415 14.67 3.09 30.86
C GLY A 415 15.07 1.77 30.25
N ALA A 416 14.18 1.19 29.48
CA ALA A 416 14.46 -0.08 28.84
C ALA A 416 15.42 0.14 27.69
N PRO A 417 16.55 -0.55 27.66
CA PRO A 417 17.47 -0.37 26.55
C PRO A 417 16.96 -1.02 25.29
N ASP A 418 17.38 -0.50 24.16
CA ASP A 418 17.07 -1.13 22.88
C ASP A 418 17.67 -2.54 22.92
N ASP A 419 16.96 -3.51 22.39
CA ASP A 419 17.40 -4.88 22.41
C ASP A 419 17.20 -5.45 20.99
N ARG A 420 18.16 -5.22 20.15
CA ARG A 420 18.12 -5.61 18.75
C ARG A 420 19.13 -6.71 18.43
N TYR A 421 19.09 -7.21 17.20
CA TYR A 421 20.00 -8.20 16.70
C TYR A 421 19.78 -9.55 17.35
N LYS A 422 18.58 -9.74 17.82
CA LYS A 422 18.16 -11.05 18.27
C LYS A 422 16.66 -11.16 18.17
N ALA A 423 16.20 -12.35 17.85
CA ALA A 423 14.77 -12.51 17.62
C ALA A 423 14.00 -12.37 18.90
N SER A 424 12.84 -11.76 18.79
CA SER A 424 11.97 -11.56 19.93
C SER A 424 10.51 -11.37 19.56
N TYR A 425 9.73 -11.26 20.60
CA TYR A 425 8.27 -11.18 20.51
C TYR A 425 7.71 -9.87 21.09
N PRO A 426 7.80 -8.78 20.32
CA PRO A 426 7.32 -7.50 20.82
C PRO A 426 5.83 -7.39 21.08
N ARG A 427 5.54 -6.72 22.18
CA ARG A 427 4.20 -6.48 22.63
C ARG A 427 3.53 -5.31 21.93
N THR A 428 2.30 -5.55 21.51
CA THR A 428 1.40 -4.50 21.03
C THR A 428 0.31 -4.19 22.08
N PHE A 429 0.11 -2.91 22.30
CA PHE A 429 -0.78 -2.40 23.31
C PHE A 429 -1.88 -1.49 22.76
N TYR A 430 -2.98 -1.40 23.47
CA TYR A 430 -3.92 -0.32 23.31
C TYR A 430 -4.22 0.33 24.66
N ALA A 431 -4.66 1.59 24.59
CA ALA A 431 -5.19 2.28 25.73
C ALA A 431 -6.37 3.21 25.40
N ARG A 432 -7.20 3.42 26.41
CA ARG A 432 -8.28 4.36 26.37
C ARG A 432 -7.97 5.55 27.24
N LEU A 433 -8.22 6.72 26.72
CA LEU A 433 -8.07 7.93 27.50
C LEU A 433 -9.35 8.79 27.37
N ASN A 434 -9.98 9.06 28.51
CA ASN A 434 -11.19 9.86 28.57
C ASN A 434 -10.89 11.33 28.42
N VAL A 435 -11.40 11.96 27.38
CA VAL A 435 -11.09 13.34 27.12
C VAL A 435 -11.62 14.35 28.13
N ASN A 436 -12.67 14.03 28.83
CA ASN A 436 -13.13 14.94 29.85
C ASN A 436 -12.21 14.95 31.03
N ASN A 437 -11.76 13.79 31.45
CA ASN A 437 -10.86 13.70 32.57
C ASN A 437 -9.46 14.26 32.28
N TRP A 438 -9.01 14.16 31.04
CA TRP A 438 -7.74 14.73 30.60
C TRP A 438 -6.58 14.49 31.52
N ASN A 439 -6.35 13.24 31.86
N ASN A 439 -6.38 13.23 31.87
CA ASN A 439 -5.25 12.91 32.74
CA ASN A 439 -5.27 12.86 32.74
C ASN A 439 -4.75 11.49 32.43
C ASN A 439 -4.77 11.48 32.37
N ALA A 440 -3.49 11.39 32.05
CA ALA A 440 -2.93 10.14 31.68
C ALA A 440 -2.15 9.46 32.77
N ASP A 441 -2.18 9.99 33.98
CA ASP A 441 -1.36 9.39 35.01
C ASP A 441 -1.71 7.94 35.23
N ASP A 442 -2.99 7.63 35.14
CA ASP A 442 -3.41 6.27 35.43
C ASP A 442 -3.76 5.45 34.17
N ILE A 443 -3.22 5.85 33.05
CA ILE A 443 -3.43 5.15 31.78
C ILE A 443 -3.03 3.67 31.88
N GLU A 444 -3.86 2.83 31.31
CA GLU A 444 -3.71 1.41 31.30
C GLU A 444 -3.41 0.89 29.89
N TRP A 445 -2.15 0.59 29.64
CA TRP A 445 -1.71 -0.04 28.38
C TRP A 445 -1.97 -1.54 28.44
N VAL A 446 -2.79 -2.03 27.54
CA VAL A 446 -3.22 -3.43 27.56
C VAL A 446 -2.60 -4.15 26.34
N ASN A 447 -1.73 -5.08 26.64
CA ASN A 447 -1.16 -5.92 25.61
C ASN A 447 -2.19 -6.94 25.12
N ILE A 448 -2.55 -6.76 23.86
CA ILE A 448 -3.60 -7.49 23.18
C ILE A 448 -3.13 -8.48 22.09
N THR A 449 -1.88 -8.35 21.69
CA THR A 449 -1.27 -9.22 20.71
C THR A 449 0.27 -9.05 20.70
N ASP A 450 1.02 -10.09 20.37
CA ASP A 450 2.47 -10.05 20.28
C ASP A 450 2.83 -10.36 18.88
N GLN A 451 3.87 -9.69 18.42
CA GLN A 451 4.41 -9.81 17.09
C GLN A 451 5.79 -10.46 17.20
N ILE A 452 6.40 -10.66 16.06
CA ILE A 452 7.77 -11.13 15.95
C ILE A 452 8.68 -10.04 15.38
N TYR A 453 9.85 -9.86 16.02
CA TYR A 453 10.95 -9.09 15.47
C TYR A 453 12.06 -10.11 15.12
N GLN A 454 12.39 -10.10 13.84
CA GLN A 454 13.23 -11.14 13.30
C GLN A 454 14.68 -11.15 13.84
N GLY A 455 15.27 -9.97 13.95
CA GLY A 455 16.57 -9.81 14.56
C GLY A 455 17.77 -9.82 13.65
N GLY A 456 17.54 -10.09 12.37
CA GLY A 456 18.63 -10.19 11.43
C GLY A 456 19.25 -8.88 11.05
N ILE A 457 18.52 -7.83 11.25
CA ILE A 457 19.03 -6.46 11.12
C ILE A 457 18.56 -5.65 12.33
N VAL A 458 19.20 -4.50 12.55
CA VAL A 458 18.89 -3.67 13.69
C VAL A 458 17.51 -3.09 13.58
N ASN A 459 17.08 -2.84 12.37
CA ASN A 459 15.81 -2.20 12.17
C ASN A 459 14.67 -3.16 12.33
N SER A 460 13.53 -2.61 12.77
CA SER A 460 12.29 -3.33 12.89
C SER A 460 11.15 -2.70 12.12
N GLY A 461 10.37 -3.52 11.43
CA GLY A 461 9.13 -3.12 10.83
C GLY A 461 7.91 -3.21 11.71
N VAL A 462 8.11 -3.59 12.97
CA VAL A 462 6.99 -3.77 13.88
C VAL A 462 6.33 -2.44 14.25
N GLY A 463 5.00 -2.39 14.12
CA GLY A 463 4.21 -1.25 14.50
C GLY A 463 4.10 -0.20 13.43
N VAL A 464 4.43 1.01 13.83
CA VAL A 464 4.26 2.21 13.02
C VAL A 464 3.07 2.25 12.05
N GLY A 465 1.89 2.32 12.63
CA GLY A 465 0.67 1.96 11.97
C GLY A 465 -0.34 3.07 11.88
N SER A 466 -1.60 2.66 11.74
CA SER A 466 -2.67 3.59 11.42
C SER A 466 -3.98 2.99 11.88
N VAL A 467 -4.92 3.84 12.23
CA VAL A 467 -6.14 3.43 12.89
C VAL A 467 -7.33 4.03 12.16
N VAL A 468 -8.33 3.20 11.91
CA VAL A 468 -9.64 3.65 11.49
C VAL A 468 -10.79 3.02 12.26
N VAL A 469 -11.93 3.69 12.26
CA VAL A 469 -13.19 3.12 12.70
C VAL A 469 -14.14 2.94 11.53
N LYS A 470 -14.69 1.74 11.46
CA LYS A 470 -15.78 1.46 10.55
C LYS A 470 -16.90 0.77 11.27
N ASP A 471 -18.04 1.41 11.24
CA ASP A 471 -19.18 0.98 12.02
C ASP A 471 -18.82 0.82 13.51
N ASN A 472 -19.09 -0.33 14.11
CA ASN A 472 -18.79 -0.56 15.49
CA ASN A 472 -18.71 -0.43 15.51
C ASN A 472 -17.38 -1.27 15.77
N TYR A 473 -16.45 -1.17 14.82
CA TYR A 473 -15.16 -1.77 14.95
C TYR A 473 -14.06 -0.72 14.68
N ILE A 474 -12.99 -0.87 15.43
CA ILE A 474 -11.79 -0.10 15.27
C ILE A 474 -10.72 -1.05 14.72
N TYR A 475 -9.91 -0.50 13.85
CA TYR A 475 -8.88 -1.23 13.14
C TYR A 475 -7.51 -0.63 13.32
N TYR A 476 -6.58 -1.42 13.76
CA TYR A 476 -5.18 -1.03 13.84
C TYR A 476 -4.35 -1.83 12.83
N MET A 477 -3.93 -1.11 11.81
CA MET A 477 -3.09 -1.65 10.73
C MET A 477 -1.62 -1.32 10.96
N PHE A 478 -0.80 -2.33 11.00
CA PHE A 478 0.52 -2.16 11.45
C PHE A 478 1.46 -3.26 10.99
N GLY A 479 2.74 -3.00 11.12
CA GLY A 479 3.72 -3.99 10.78
C GLY A 479 4.05 -5.09 11.78
N GLY A 480 4.45 -6.24 11.27
CA GLY A 480 5.01 -7.31 12.08
C GLY A 480 5.95 -8.12 11.24
N GLU A 481 6.91 -8.81 11.85
CA GLU A 481 7.84 -9.66 11.13
C GLU A 481 7.54 -11.16 11.37
N ASP A 482 8.40 -11.99 10.86
CA ASP A 482 8.38 -13.39 11.09
C ASP A 482 9.85 -13.76 11.30
N HIS A 483 10.16 -15.03 11.52
CA HIS A 483 11.52 -15.47 11.75
C HIS A 483 12.45 -15.70 10.55
N PHE A 484 11.97 -15.43 9.34
CA PHE A 484 12.78 -15.58 8.13
C PHE A 484 13.77 -14.41 7.94
N ASN A 485 15.06 -14.71 8.04
CA ASN A 485 16.09 -13.71 7.90
C ASN A 485 16.14 -13.22 6.46
N PRO A 486 16.31 -11.92 6.26
CA PRO A 486 16.44 -11.32 4.93
C PRO A 486 17.84 -11.53 4.30
N TRP A 487 18.76 -11.97 5.12
CA TRP A 487 20.13 -12.28 4.72
C TRP A 487 20.90 -11.03 4.24
N THR A 488 20.71 -9.95 4.97
CA THR A 488 21.39 -8.69 4.69
C THR A 488 22.85 -8.90 5.15
N TYR A 489 22.92 -9.60 6.24
CA TYR A 489 24.18 -10.18 6.69
C TYR A 489 24.21 -11.65 6.33
N GLY A 490 24.80 -11.88 5.19
CA GLY A 490 24.68 -13.11 4.45
C GLY A 490 24.71 -12.82 2.95
N ASP A 491 24.01 -13.63 2.18
CA ASP A 491 24.05 -13.61 0.75
C ASP A 491 23.19 -12.57 0.00
N ASN A 492 22.50 -11.75 0.76
CA ASN A 492 21.64 -10.75 0.13
C ASN A 492 21.76 -9.35 0.73
N SER A 493 22.98 -8.92 0.89
CA SER A 493 23.26 -7.55 1.22
C SER A 493 22.62 -6.56 0.27
N ALA A 494 22.35 -6.98 -0.95
CA ALA A 494 21.70 -6.08 -1.92
C ALA A 494 20.21 -5.89 -1.67
N LYS A 495 19.71 -6.73 -0.82
CA LYS A 495 18.29 -6.65 -0.42
C LYS A 495 17.26 -6.94 -1.48
N ASP A 496 17.60 -7.72 -2.47
CA ASP A 496 16.67 -8.24 -3.45
C ASP A 496 15.51 -8.98 -2.80
N PRO A 497 14.30 -8.47 -2.94
CA PRO A 497 13.18 -9.13 -2.28
C PRO A 497 12.88 -10.52 -2.79
N PHE A 498 13.31 -10.80 -4.00
CA PHE A 498 12.89 -12.01 -4.67
C PHE A 498 13.85 -13.21 -4.55
N LYS A 499 14.87 -13.01 -3.76
CA LYS A 499 15.72 -14.08 -3.29
C LYS A 499 15.28 -14.63 -1.94
N SER A 500 15.34 -15.94 -1.83
CA SER A 500 14.97 -16.62 -0.61
C SER A 500 13.57 -16.15 -0.15
N ASP A 501 13.46 -15.78 1.11
CA ASP A 501 12.15 -15.38 1.66
C ASP A 501 11.88 -13.90 1.64
N GLY A 502 12.73 -13.20 0.95
CA GLY A 502 12.70 -11.78 0.90
C GLY A 502 12.69 -11.17 2.32
N HIS A 503 11.88 -10.13 2.51
CA HIS A 503 11.85 -9.37 3.74
C HIS A 503 10.67 -9.75 4.65
N PRO A 504 10.96 -9.99 5.91
CA PRO A 504 9.97 -10.50 6.83
C PRO A 504 8.83 -9.57 7.24
N SER A 505 8.95 -8.28 7.00
CA SER A 505 7.94 -7.36 7.42
C SER A 505 6.75 -7.44 6.50
N ASP A 506 5.61 -7.60 7.11
CA ASP A 506 4.33 -7.61 6.45
C ASP A 506 3.28 -6.92 7.36
N LEU A 507 2.09 -6.65 6.83
CA LEU A 507 1.06 -5.96 7.56
C LEU A 507 0.06 -6.86 8.23
N TYR A 508 -0.39 -6.36 9.36
CA TYR A 508 -1.40 -6.99 10.18
C TYR A 508 -2.46 -5.97 10.53
N CYS A 509 -3.63 -6.46 10.89
CA CYS A 509 -4.70 -5.62 11.33
C CYS A 509 -5.36 -6.22 12.57
N TYR A 510 -5.33 -5.48 13.65
CA TYR A 510 -6.15 -5.81 14.81
C TYR A 510 -7.51 -5.14 14.71
N LYS A 511 -8.52 -5.99 14.62
CA LYS A 511 -9.92 -5.63 14.57
C LYS A 511 -10.59 -5.84 15.96
N MET A 512 -10.97 -4.71 16.54
CA MET A 512 -11.53 -4.66 17.87
C MET A 512 -12.94 -4.08 17.88
N LYS A 513 -13.83 -4.75 18.55
CA LYS A 513 -15.21 -4.27 18.69
C LYS A 513 -15.29 -3.13 19.70
N ILE A 514 -15.93 -2.03 19.28
CA ILE A 514 -16.04 -0.85 20.12
C ILE A 514 -17.49 -0.38 20.32
N GLY A 515 -18.44 -1.10 19.77
CA GLY A 515 -19.83 -0.89 20.06
C GLY A 515 -20.61 -2.15 19.74
N PRO A 516 -21.90 -2.14 20.03
CA PRO A 516 -22.73 -3.30 19.82
C PRO A 516 -22.84 -3.70 18.35
N ASP A 517 -22.86 -4.98 18.12
CA ASP A 517 -23.04 -5.54 16.78
C ASP A 517 -24.42 -6.17 16.76
N ASN A 518 -25.35 -5.49 16.12
CA ASN A 518 -26.76 -5.82 16.17
C ASN A 518 -27.21 -6.70 14.97
N ARG A 519 -26.24 -7.32 14.32
CA ARG A 519 -26.49 -8.28 13.26
C ARG A 519 -25.91 -9.66 13.57
N VAL A 520 -26.45 -10.65 12.91
CA VAL A 520 -25.92 -11.98 12.96
C VAL A 520 -24.51 -11.91 12.33
N SER A 521 -23.64 -12.82 12.68
CA SER A 521 -22.26 -12.77 12.24
C SER A 521 -22.12 -12.85 10.73
N ARG A 522 -21.13 -12.12 10.20
CA ARG A 522 -20.73 -12.20 8.81
C ARG A 522 -19.48 -13.05 8.63
N ASP A 523 -19.00 -13.55 9.72
CA ASP A 523 -17.69 -14.24 9.71
C ASP A 523 -17.75 -15.53 8.87
N PHE A 524 -16.68 -15.74 8.11
CA PHE A 524 -16.49 -16.97 7.37
C PHE A 524 -15.07 -17.49 7.53
N ARG A 525 -14.93 -18.78 7.32
CA ARG A 525 -13.59 -19.36 7.15
CA ARG A 525 -13.60 -19.34 7.15
C ARG A 525 -13.27 -19.30 5.66
N TYR A 526 -12.11 -18.81 5.33
CA TYR A 526 -11.72 -18.75 3.93
C TYR A 526 -11.28 -20.09 3.44
N GLY A 527 -12.02 -20.65 2.50
CA GLY A 527 -11.68 -21.96 1.97
C GLY A 527 -11.43 -21.99 0.48
N ALA A 528 -11.43 -20.82 -0.14
CA ALA A 528 -11.27 -20.69 -1.58
C ALA A 528 -9.81 -20.75 -2.07
N VAL A 529 -9.65 -21.12 -3.34
CA VAL A 529 -8.38 -20.83 -4.01
C VAL A 529 -8.30 -19.29 -4.26
N PRO A 530 -7.30 -18.63 -3.69
CA PRO A 530 -7.18 -17.22 -4.01
C PRO A 530 -6.97 -17.04 -5.50
N ASN A 531 -7.87 -16.35 -6.19
CA ASN A 531 -7.84 -16.36 -7.61
C ASN A 531 -8.02 -14.96 -8.19
N ARG A 532 -7.54 -13.99 -7.44
CA ARG A 532 -7.51 -12.61 -7.91
C ARG A 532 -6.15 -12.18 -8.49
N ALA A 533 -5.07 -12.49 -7.83
CA ALA A 533 -3.78 -12.04 -8.28
C ALA A 533 -3.34 -12.63 -9.61
N VAL A 534 -3.42 -13.96 -9.65
CA VAL A 534 -3.23 -14.70 -10.89
C VAL A 534 -4.45 -15.56 -11.22
N PRO A 535 -5.47 -15.03 -11.85
CA PRO A 535 -6.69 -15.80 -11.98
C PRO A 535 -6.55 -17.00 -12.92
N VAL A 536 -6.71 -18.19 -12.37
CA VAL A 536 -6.54 -19.44 -13.08
C VAL A 536 -7.88 -20.20 -13.10
N PHE A 537 -8.17 -20.76 -14.27
CA PHE A 537 -9.30 -21.58 -14.52
C PHE A 537 -8.87 -22.80 -15.33
N PHE A 538 -9.29 -23.98 -14.90
CA PHE A 538 -9.02 -25.17 -15.67
C PHE A 538 -9.98 -25.16 -16.88
N ASP A 539 -9.41 -24.99 -18.08
CA ASP A 539 -10.19 -24.93 -19.31
CA ASP A 539 -10.23 -24.91 -19.29
C ASP A 539 -10.82 -26.28 -19.60
N THR A 540 -11.64 -26.34 -20.62
CA THR A 540 -12.33 -27.59 -20.98
C THR A 540 -11.41 -28.72 -21.43
N ASN A 541 -10.17 -28.39 -21.74
CA ASN A 541 -9.13 -29.34 -22.09
C ASN A 541 -8.24 -29.74 -20.92
N GLY A 542 -8.53 -29.18 -19.77
CA GLY A 542 -7.84 -29.56 -18.56
C GLY A 542 -6.55 -28.82 -18.24
N VAL A 543 -6.32 -27.70 -18.90
CA VAL A 543 -5.16 -26.89 -18.69
C VAL A 543 -5.46 -25.57 -17.98
N ARG A 544 -4.63 -25.24 -16.99
CA ARG A 544 -4.74 -24.01 -16.24
C ARG A 544 -4.64 -22.87 -17.23
N THR A 545 -5.62 -22.00 -17.17
CA THR A 545 -5.73 -20.84 -18.02
C THR A 545 -5.88 -19.52 -17.26
N VAL A 546 -5.03 -18.56 -17.63
CA VAL A 546 -5.05 -17.24 -17.03
C VAL A 546 -5.56 -16.20 -18.09
N PRO A 547 -6.76 -15.65 -17.89
CA PRO A 547 -7.35 -14.76 -18.90
C PRO A 547 -6.98 -13.28 -18.74
N ALA A 548 -6.40 -12.93 -17.60
CA ALA A 548 -6.02 -11.58 -17.25
C ALA A 548 -4.76 -11.13 -17.95
N PRO A 549 -4.70 -9.87 -18.31
CA PRO A 549 -3.45 -9.39 -18.81
C PRO A 549 -2.43 -9.29 -17.68
N MET A 550 -1.18 -9.63 -17.97
CA MET A 550 -0.16 -9.64 -16.97
C MET A 550 1.21 -9.13 -17.49
N GLU A 551 1.97 -8.55 -16.59
CA GLU A 551 3.31 -8.13 -16.90
C GLU A 551 4.30 -8.91 -16.05
N PHE A 552 5.24 -9.57 -16.70
CA PHE A 552 6.31 -10.24 -16.01
C PHE A 552 7.58 -9.43 -16.28
N THR A 553 8.09 -8.77 -15.25
CA THR A 553 9.24 -7.90 -15.40
C THR A 553 10.57 -8.55 -14.98
N GLY A 554 10.50 -9.61 -14.19
CA GLY A 554 11.70 -10.35 -13.82
C GLY A 554 12.09 -11.28 -14.94
N ASP A 555 13.35 -11.67 -14.94
CA ASP A 555 13.84 -12.57 -15.96
C ASP A 555 13.05 -13.86 -16.01
N LEU A 556 12.66 -14.24 -17.21
CA LEU A 556 11.93 -15.46 -17.45
C LEU A 556 12.66 -16.50 -18.24
N GLY A 557 12.52 -17.74 -17.79
CA GLY A 557 12.92 -18.89 -18.57
C GLY A 557 11.65 -19.64 -18.94
N LEU A 558 11.52 -19.97 -20.22
CA LEU A 558 10.37 -20.65 -20.76
C LEU A 558 10.82 -21.96 -21.38
N GLY A 559 9.94 -22.94 -21.37
CA GLY A 559 10.10 -24.17 -22.09
C GLY A 559 9.55 -24.12 -23.50
N HIS A 560 8.80 -25.12 -23.87
CA HIS A 560 8.13 -25.06 -25.14
C HIS A 560 7.08 -23.98 -25.17
N VAL A 561 7.12 -23.12 -26.18
CA VAL A 561 6.25 -22.01 -26.32
C VAL A 561 5.43 -22.09 -27.61
N THR A 562 4.13 -22.00 -27.44
CA THR A 562 3.21 -21.81 -28.55
C THR A 562 2.57 -20.40 -28.45
N ILE A 563 2.69 -19.58 -29.49
CA ILE A 563 2.06 -18.29 -29.53
C ILE A 563 0.75 -18.48 -30.33
N ARG A 564 -0.36 -18.31 -29.64
CA ARG A 564 -1.65 -18.61 -30.23
C ARG A 564 -2.19 -17.44 -31.01
N ALA A 565 -3.16 -17.73 -31.86
CA ALA A 565 -3.88 -16.67 -32.58
C ALA A 565 -4.52 -15.71 -31.59
N SER A 566 -4.34 -14.41 -31.78
CA SER A 566 -4.72 -13.39 -30.82
C SER A 566 -5.19 -12.03 -31.42
N THR A 567 -4.80 -11.76 -32.64
CA THR A 567 -4.76 -10.40 -33.12
C THR A 567 -5.36 -10.27 -34.53
N SER A 568 -6.13 -9.18 -34.72
CA SER A 568 -6.81 -8.88 -35.98
C SER A 568 -7.85 -9.91 -36.34
N SER A 569 -8.91 -9.92 -35.54
CA SER A 569 -9.94 -10.93 -35.65
C SER A 569 -9.36 -12.34 -35.52
N ASN A 570 -8.36 -12.44 -34.67
CA ASN A 570 -7.64 -13.68 -34.48
C ASN A 570 -7.02 -14.35 -35.72
N ILE A 571 -6.70 -13.55 -36.71
CA ILE A 571 -6.10 -14.03 -37.93
C ILE A 571 -4.63 -14.40 -37.71
N ARG A 572 -3.96 -13.77 -36.78
CA ARG A 572 -2.53 -13.99 -36.57
C ARG A 572 -2.12 -14.15 -35.11
N SER A 573 -1.00 -14.83 -34.93
CA SER A 573 -0.27 -14.73 -33.72
C SER A 573 0.73 -13.56 -33.87
N GLU A 574 1.10 -12.96 -32.75
CA GLU A 574 1.86 -11.73 -32.74
C GLU A 574 2.78 -11.57 -31.54
N VAL A 575 4.02 -11.29 -31.83
CA VAL A 575 5.02 -10.89 -30.87
C VAL A 575 5.52 -9.52 -31.29
N LEU A 576 5.54 -8.58 -30.37
CA LEU A 576 6.02 -7.22 -30.66
C LEU A 576 7.20 -6.95 -29.74
N MET A 577 8.28 -6.36 -30.25
CA MET A 577 9.50 -6.14 -29.46
C MET A 577 9.66 -4.65 -29.29
N GLU A 578 9.85 -4.24 -28.05
CA GLU A 578 10.02 -2.84 -27.71
C GLU A 578 11.49 -2.48 -27.54
N GLY A 579 11.79 -1.33 -26.97
CA GLY A 579 13.13 -0.79 -27.00
C GLY A 579 13.51 -0.01 -28.26
N GLU A 580 14.72 0.49 -28.28
CA GLU A 580 15.27 1.03 -29.53
C GLU A 580 15.33 -0.07 -30.59
N TYR A 581 15.75 -1.25 -30.17
CA TYR A 581 15.87 -2.42 -31.02
C TYR A 581 15.50 -3.71 -30.28
N GLY A 582 15.11 -4.72 -31.01
CA GLY A 582 14.96 -6.05 -30.48
C GLY A 582 16.14 -6.89 -30.92
N PHE A 583 16.41 -7.92 -30.15
CA PHE A 583 17.45 -8.89 -30.40
C PHE A 583 16.94 -10.30 -30.08
N ILE A 584 16.96 -11.16 -31.07
CA ILE A 584 16.68 -12.58 -30.88
C ILE A 584 17.98 -13.35 -31.19
N GLY A 585 18.55 -14.01 -30.20
CA GLY A 585 19.83 -14.66 -30.30
C GLY A 585 19.84 -16.08 -29.74
N LYS A 586 21.01 -16.67 -29.84
CA LYS A 586 21.24 -18.07 -29.52
C LYS A 586 22.39 -18.29 -28.56
N SER A 587 22.11 -18.92 -27.44
CA SER A 587 23.15 -19.22 -26.47
C SER A 587 24.18 -20.17 -27.03
N ILE A 588 25.35 -20.17 -26.44
CA ILE A 588 26.35 -21.18 -26.73
C ILE A 588 25.90 -22.49 -26.13
N PRO A 589 25.68 -23.49 -26.95
CA PRO A 589 25.26 -24.79 -26.43
C PRO A 589 26.28 -25.35 -25.45
N THR A 590 25.79 -26.02 -24.43
CA THR A 590 26.62 -26.59 -23.42
C THR A 590 27.27 -27.90 -23.84
N ASP A 591 26.53 -28.71 -24.56
CA ASP A 591 26.95 -30.03 -24.98
C ASP A 591 27.48 -30.14 -26.43
N ASN A 592 26.80 -29.52 -27.39
CA ASN A 592 27.24 -29.51 -28.77
C ASN A 592 27.38 -28.09 -29.38
N PRO A 593 28.37 -27.35 -28.92
CA PRO A 593 28.53 -26.00 -29.44
C PRO A 593 28.69 -25.94 -30.96
N ALA A 594 29.19 -26.99 -31.55
CA ALA A 594 29.34 -27.05 -32.99
C ALA A 594 28.07 -26.95 -33.83
N GLY A 595 26.94 -27.07 -33.14
CA GLY A 595 25.63 -27.02 -33.77
C GLY A 595 24.94 -25.69 -33.64
N GLN A 596 25.56 -24.78 -32.90
CA GLN A 596 24.94 -23.48 -32.61
C GLN A 596 24.30 -22.82 -33.83
N ARG A 597 22.97 -22.65 -33.78
CA ARG A 597 22.21 -22.03 -34.84
C ARG A 597 20.75 -21.80 -34.42
N ILE A 598 20.07 -20.92 -35.14
CA ILE A 598 18.62 -20.83 -35.12
C ILE A 598 18.04 -21.10 -36.51
N ILE A 599 17.05 -21.98 -36.56
CA ILE A 599 16.27 -22.26 -37.74
C ILE A 599 14.94 -21.49 -37.68
N PHE A 600 14.74 -20.60 -38.62
CA PHE A 600 13.49 -19.90 -38.74
C PHE A 600 12.71 -20.57 -39.88
N CYS A 601 11.41 -20.82 -39.71
CA CYS A 601 10.66 -21.59 -40.67
C CYS A 601 9.21 -21.06 -40.81
N GLY A 602 8.70 -21.07 -42.04
CA GLY A 602 7.36 -20.72 -42.39
C GLY A 602 6.40 -21.87 -42.21
N GLY A 603 6.91 -23.00 -41.80
CA GLY A 603 6.10 -24.16 -41.56
C GLY A 603 6.35 -24.85 -40.24
N GLU A 604 5.78 -26.02 -40.03
CA GLU A 604 5.53 -26.56 -38.66
CA GLU A 604 5.56 -26.52 -38.64
C GLU A 604 6.74 -27.30 -38.08
N GLY A 605 7.73 -27.64 -38.84
CA GLY A 605 8.80 -28.43 -38.32
C GLY A 605 10.15 -28.10 -38.86
N THR A 606 11.14 -28.71 -38.26
CA THR A 606 12.50 -28.46 -38.64
C THR A 606 12.82 -28.96 -40.05
N SER A 607 12.10 -29.93 -40.56
CA SER A 607 12.27 -30.30 -41.94
C SER A 607 11.83 -29.16 -42.86
N SER A 608 12.69 -28.82 -43.80
CA SER A 608 12.41 -27.74 -44.72
C SER A 608 11.37 -28.14 -45.76
N THR A 609 10.99 -29.40 -45.73
CA THR A 609 9.84 -29.83 -46.50
CA THR A 609 9.84 -29.82 -46.51
C THR A 609 8.57 -29.13 -46.01
N THR A 610 8.58 -28.71 -44.72
CA THR A 610 7.39 -28.08 -44.16
C THR A 610 7.23 -26.58 -44.45
N GLY A 611 8.29 -25.92 -44.87
CA GLY A 611 8.19 -24.51 -45.18
C GLY A 611 9.52 -23.90 -45.53
N ALA A 612 9.52 -22.68 -46.04
CA ALA A 612 10.75 -21.99 -46.28
C ALA A 612 11.55 -21.71 -44.99
N GLN A 613 12.85 -21.85 -45.07
CA GLN A 613 13.69 -21.65 -43.92
C GLN A 613 14.84 -20.66 -44.19
N ILE A 614 15.19 -19.94 -43.15
CA ILE A 614 16.45 -19.27 -43.08
C ILE A 614 17.12 -19.74 -41.80
N THR A 615 18.34 -20.21 -41.90
CA THR A 615 19.10 -20.70 -40.79
C THR A 615 20.36 -19.87 -40.54
N LEU A 616 20.40 -19.21 -39.41
CA LEU A 616 21.54 -18.46 -38.98
C LEU A 616 22.49 -19.29 -38.09
N TYR A 617 23.72 -19.44 -38.51
CA TYR A 617 24.65 -20.29 -37.81
C TYR A 617 25.50 -19.41 -36.90
N GLY A 618 25.76 -19.90 -35.73
CA GLY A 618 26.57 -19.16 -34.81
C GLY A 618 28.06 -19.31 -35.08
N ALA A 619 28.85 -18.54 -34.37
CA ALA A 619 30.28 -18.52 -34.60
C ALA A 619 30.89 -19.79 -34.14
N ASN A 620 30.27 -20.43 -33.20
CA ASN A 620 30.76 -21.69 -32.68
C ASN A 620 30.42 -22.86 -33.55
N ASN A 621 29.53 -22.69 -34.49
CA ASN A 621 29.22 -23.77 -35.40
C ASN A 621 30.44 -24.16 -36.25
N THR A 622 30.47 -25.41 -36.62
CA THR A 622 31.48 -25.92 -37.52
C THR A 622 31.47 -25.11 -38.79
N ASP A 623 30.28 -24.72 -39.23
CA ASP A 623 30.13 -23.82 -40.33
C ASP A 623 29.86 -22.44 -39.78
N SER A 624 30.92 -21.80 -39.38
CA SER A 624 30.86 -20.60 -38.60
C SER A 624 30.26 -19.44 -39.31
N ARG A 625 29.21 -18.89 -38.70
CA ARG A 625 28.50 -17.76 -39.28
C ARG A 625 27.93 -18.03 -40.68
N ARG A 626 27.65 -19.25 -41.03
CA ARG A 626 26.94 -19.53 -42.26
C ARG A 626 25.48 -18.99 -42.20
N ILE A 627 24.91 -18.61 -43.34
CA ILE A 627 23.48 -18.48 -43.45
C ILE A 627 23.03 -19.35 -44.60
N VAL A 628 22.04 -20.19 -44.38
CA VAL A 628 21.40 -20.92 -45.45
C VAL A 628 19.97 -20.41 -45.65
N TYR A 629 19.69 -19.92 -46.86
CA TYR A 629 18.37 -19.45 -47.23
C TYR A 629 17.74 -20.54 -48.10
N ASN A 630 16.64 -21.15 -47.66
CA ASN A 630 16.10 -22.30 -48.38
C ASN A 630 14.61 -22.19 -48.63
N GLY A 631 14.26 -21.76 -49.82
CA GLY A 631 12.90 -21.67 -50.23
C GLY A 631 12.76 -22.19 -51.66
N ASP A 632 11.53 -22.33 -52.12
CA ASP A 632 11.26 -22.72 -53.49
C ASP A 632 11.14 -21.51 -54.39
N GLU A 633 11.18 -20.32 -53.80
CA GLU A 633 11.43 -19.07 -54.46
C GLU A 633 12.18 -18.15 -53.49
N HIS A 634 13.13 -17.39 -54.03
CA HIS A 634 13.76 -16.27 -53.38
C HIS A 634 13.47 -14.99 -54.13
N LEU A 635 12.60 -14.18 -53.58
CA LEU A 635 12.16 -12.99 -54.26
C LEU A 635 12.53 -11.71 -53.53
N PHE A 636 13.42 -10.96 -54.13
CA PHE A 636 13.96 -9.74 -53.56
C PHE A 636 13.20 -8.52 -54.10
N GLN A 637 12.43 -7.93 -53.22
CA GLN A 637 11.49 -6.88 -53.53
C GLN A 637 11.94 -5.52 -53.04
N SER A 638 11.56 -4.50 -53.80
CA SER A 638 11.67 -3.09 -53.47
C SER A 638 13.07 -2.49 -53.56
N ALA A 639 14.09 -3.30 -53.78
CA ALA A 639 15.43 -2.82 -53.82
C ALA A 639 16.39 -3.74 -54.52
N ASP A 640 17.48 -3.17 -55.01
CA ASP A 640 18.56 -3.88 -55.62
C ASP A 640 19.13 -4.91 -54.62
N VAL A 641 19.66 -5.99 -55.16
CA VAL A 641 20.44 -6.93 -54.39
C VAL A 641 21.92 -6.51 -54.49
N LYS A 642 22.48 -6.02 -53.39
CA LYS A 642 23.76 -5.38 -53.35
C LYS A 642 24.67 -6.00 -52.34
N PRO A 643 25.96 -5.95 -52.59
CA PRO A 643 26.89 -6.23 -51.55
C PRO A 643 27.03 -5.03 -50.65
N TYR A 644 27.35 -5.25 -49.40
CA TYR A 644 27.53 -4.18 -48.45
C TYR A 644 28.70 -3.25 -48.76
N ASN A 645 29.82 -3.84 -49.16
CA ASN A 645 31.01 -3.10 -49.51
C ASN A 645 31.21 -3.10 -51.01
N ASP A 646 32.10 -2.24 -51.48
CA ASP A 646 32.33 -2.10 -52.92
C ASP A 646 33.50 -2.90 -53.41
N ASN A 647 33.21 -3.73 -54.37
CA ASN A 647 34.21 -4.53 -55.04
C ASN A 647 35.04 -5.42 -54.16
N VAL A 648 34.38 -6.15 -53.28
CA VAL A 648 34.95 -6.95 -52.29
C VAL A 648 34.39 -8.36 -52.30
N THR A 649 33.10 -8.50 -52.49
CA THR A 649 32.51 -9.79 -52.52
C THR A 649 31.86 -10.07 -53.89
N ALA A 650 31.64 -11.35 -54.17
CA ALA A 650 31.24 -11.80 -55.48
C ALA A 650 29.83 -12.36 -55.52
N LEU A 651 29.27 -12.49 -56.70
CA LEU A 651 28.17 -13.39 -56.95
C LEU A 651 28.68 -14.76 -57.35
N GLY A 652 28.38 -15.78 -56.58
CA GLY A 652 28.89 -17.10 -56.83
C GLY A 652 30.33 -17.36 -56.45
N GLY A 653 30.78 -18.57 -56.80
CA GLY A 653 32.15 -19.03 -56.64
C GLY A 653 32.46 -20.16 -57.59
N PRO A 654 33.70 -20.57 -57.63
CA PRO A 654 34.12 -21.61 -58.59
C PRO A 654 33.42 -22.96 -58.38
N SER A 655 33.04 -23.25 -57.15
CA SER A 655 32.28 -24.43 -56.81
C SER A 655 30.80 -24.10 -56.46
N ASN A 656 30.39 -22.89 -56.74
CA ASN A 656 29.04 -22.44 -56.49
C ASN A 656 28.67 -21.45 -57.59
N ARG A 657 28.55 -21.95 -58.82
CA ARG A 657 28.20 -21.16 -59.95
C ARG A 657 26.68 -21.07 -60.10
N PHE A 658 26.18 -19.89 -60.38
CA PHE A 658 24.84 -19.69 -60.87
C PHE A 658 24.83 -20.19 -62.33
N THR A 659 23.72 -20.74 -62.76
CA THR A 659 23.67 -21.29 -64.11
C THR A 659 23.84 -20.18 -65.12
N THR A 660 23.20 -19.08 -64.84
CA THR A 660 23.27 -17.86 -65.64
C THR A 660 22.73 -16.68 -64.84
N ALA A 661 22.63 -15.53 -65.50
CA ALA A 661 22.01 -14.35 -64.96
C ALA A 661 21.11 -13.75 -66.03
N TYR A 662 19.83 -13.68 -65.72
CA TYR A 662 18.84 -13.01 -66.53
C TYR A 662 18.80 -11.50 -66.29
N LEU A 663 19.22 -10.74 -67.31
CA LEU A 663 19.40 -9.33 -67.21
C LEU A 663 18.64 -8.62 -68.32
N GLY A 664 18.29 -7.38 -68.06
CA GLY A 664 17.65 -6.54 -69.04
C GLY A 664 18.65 -5.76 -69.91
N SER A 665 19.91 -5.84 -69.56
CA SER A 665 20.99 -5.23 -70.28
C SER A 665 22.31 -5.84 -69.81
N ASN A 666 23.39 -5.63 -70.56
CA ASN A 666 24.68 -6.18 -70.19
C ASN A 666 25.18 -5.63 -68.85
N PRO A 667 25.99 -6.40 -68.17
CA PRO A 667 26.64 -5.98 -66.95
C PRO A 667 27.42 -4.69 -67.14
N ILE A 668 27.31 -3.80 -66.18
CA ILE A 668 28.06 -2.56 -66.16
C ILE A 668 29.32 -2.85 -65.39
N VAL A 669 30.44 -2.93 -66.10
CA VAL A 669 31.71 -3.33 -65.54
C VAL A 669 32.66 -2.14 -65.47
N THR A 670 33.17 -1.83 -64.28
CA THR A 670 34.09 -0.71 -64.09
C THR A 670 35.25 -1.05 -63.14
C1 SLB B . -31.01 0.48 -28.50
C2 SLB B . -30.54 1.22 -29.73
C3 SLB B . -29.76 0.48 -30.81
C4 SLB B . -30.33 0.80 -32.19
C5 SLB B . -30.68 2.28 -32.38
C6 SLB B . -30.42 3.16 -31.15
C7 SLB B . -28.92 3.48 -31.01
C8 SLB B . -28.46 3.68 -29.56
C9 SLB B . -27.17 2.92 -29.24
C10 SLB B . -32.46 1.78 -33.98
C11 SLB B . -33.92 1.99 -34.27
N5 SLB B . -32.06 2.40 -32.79
O1A SLB B . -30.34 -0.49 -28.09
O1B SLB B . -32.07 0.86 -27.94
O2 SLB B . -31.75 0.74 -30.35
O4 SLB B . -29.38 0.39 -33.20
O6 SLB B . -31.00 2.55 -29.99
O7 SLB B . -28.19 2.43 -31.64
O8 SLB B . -28.33 5.08 -29.27
O9 SLB B . -26.03 3.77 -29.31
O10 SLB B . -31.67 1.11 -34.75
C1 SIA B . -30.26 4.93 -27.55
C2 SIA B . -29.02 5.59 -28.10
C3 SIA B . -29.25 7.06 -28.47
C4 SIA B . -29.44 7.93 -27.24
C5 SIA B . -28.26 7.78 -26.29
C6 SIA B . -28.06 6.30 -25.97
C7 SIA B . -26.82 6.09 -25.09
C8 SIA B . -26.80 4.73 -24.38
C9 SIA B . -27.06 3.54 -25.30
C10 SIA B . -28.06 9.55 -24.62
C11 SIA B . -28.55 10.07 -23.30
N5 SIA B . -28.62 8.41 -25.03
O1A SIA B . -30.14 4.01 -26.71
O1B SIA B . -31.40 5.31 -27.95
O4 SIA B . -29.60 9.30 -27.63
O6 SIA B . -27.92 5.51 -27.16
O7 SIA B . -25.62 6.23 -25.87
O8 SIA B . -25.53 4.56 -23.70
O9 SIA B . -25.95 3.34 -26.15
O10 SIA B . -27.24 10.15 -25.29
C1 SIA B . -26.41 5.49 -21.59
C2 SIA B . -25.67 4.36 -22.28
C3 SIA B . -24.25 4.24 -21.71
C4 SIA B . -24.24 3.55 -20.34
C5 SIA B . -24.99 2.23 -20.42
C6 SIA B . -26.41 2.49 -20.90
C7 SIA B . -27.24 1.20 -21.02
C8 SIA B . -28.75 1.44 -21.12
C9 SIA B . -29.21 2.27 -22.31
C10 SIA B . -24.54 0.55 -18.71
C11 SIA B . -24.78 0.15 -17.28
N5 SIA B . -25.11 1.70 -19.06
O1A SIA B . -27.48 5.27 -20.97
O1B SIA B . -25.92 6.64 -21.70
O4 SIA B . -22.88 3.34 -19.98
O6 SIA B . -26.37 3.11 -22.19
O7 SIA B . -26.79 0.48 -22.17
O8 SIA B . -29.37 0.14 -21.18
O9 SIA B . -28.82 1.61 -23.53
O10 SIA B . -23.87 -0.13 -19.48
C1 SIA B . -30.06 0.19 -18.85
C2 SIA B . -30.45 -0.15 -20.27
C3 SIA B . -30.83 -1.63 -20.40
C4 SIA B . -32.20 -1.91 -19.79
C5 SIA B . -33.26 -0.97 -20.36
C6 SIA B . -32.82 0.49 -20.19
C7 SIA B . -33.79 1.53 -20.76
C8 SIA B . -33.54 2.91 -20.12
C9 SIA B . -32.62 3.84 -20.91
C10 SIA B . -35.60 -1.59 -19.96
C11 SIA B . -36.70 -1.69 -18.95
N5 SIA B . -34.43 -1.13 -19.50
O1A SIA B . -30.73 1.03 -18.21
O1B SIA B . -29.06 -0.36 -18.36
O4 SIA B . -32.54 -3.28 -19.99
O6 SIA B . -31.52 0.68 -20.76
O7 SIA B . -33.71 1.58 -22.18
O8 SIA B . -34.80 3.56 -19.89
O9 SIA B . -32.36 5.02 -20.13
O10 SIA B . -35.76 -1.92 -21.13
C1 SIA B . -36.19 2.45 -18.43
C2 SIA B . -35.68 3.83 -18.79
C3 SIA B . -36.83 4.82 -19.05
C4 SIA B . -37.46 5.38 -17.78
C5 SIA B . -36.41 5.80 -16.72
C6 SIA B . -35.40 4.65 -16.53
C7 SIA B . -34.32 4.91 -15.48
C8 SIA B . -33.35 3.74 -15.32
C9 SIA B . -32.50 3.92 -14.07
C10 SIA B . -36.97 6.95 -14.61
C11 SIA B . -37.84 6.91 -13.39
N5 SIA B . -37.16 5.94 -15.48
O1A SIA B . -37.33 2.09 -18.80
O1B SIA B . -35.43 1.68 -17.78
O4 SIA B . -38.27 6.51 -18.15
O6 SIA B . -34.79 4.38 -17.80
O7 SIA B . -33.52 6.03 -15.84
O8 SIA B . -34.05 2.49 -15.22
O9 SIA B . -31.37 3.04 -14.18
O10 SIA B . -36.14 7.82 -14.77
C1 SLB C . 20.44 -32.58 -50.41
C2 SLB C . 19.07 -31.99 -50.20
C3 SLB C . 18.04 -32.07 -51.35
C4 SLB C . 16.64 -31.63 -50.96
C5 SLB C . 16.60 -30.67 -49.78
C6 SLB C . 17.34 -31.24 -48.57
C7 SLB C . 17.37 -30.26 -47.38
C8 SLB C . 18.23 -30.71 -46.18
C9 SLB C . 19.73 -30.78 -46.45
C10 SLB C . 14.73 -29.13 -49.30
C11 SLB C . 13.24 -29.03 -49.06
N5 SLB C . 15.19 -30.38 -49.50
O1A SLB C . 21.23 -32.60 -49.43
O1B SLB C . 20.76 -33.03 -51.54
O2 SLB C . 18.66 -33.32 -49.84
O4 SLB C . 16.04 -31.01 -52.10
O6 SLB C . 18.71 -31.56 -48.88
O7 SLB C . 17.77 -28.97 -47.83
O8 SLB C . 18.02 -29.77 -45.13
O9 SLB C . 20.48 -30.98 -45.24
O10 SLB C . 15.44 -28.13 -49.33
C1 SIA C . 16.00 -30.77 -44.15
C2 SIA C . 17.25 -29.96 -43.94
C3 SIA C . 17.01 -28.58 -43.29
C4 SIA C . 16.71 -28.70 -41.80
C5 SIA C . 17.72 -29.60 -41.09
C6 SIA C . 17.79 -30.95 -41.80
C7 SIA C . 18.82 -31.90 -41.19
C8 SIA C . 18.62 -33.33 -41.73
C9 SIA C . 19.01 -33.53 -43.19
C10 SIA C . 17.88 -29.59 -38.67
C11 SIA C . 17.23 -29.93 -37.35
N5 SIA C . 17.17 -29.87 -39.76
O1A SIA C . 16.03 -32.02 -43.99
O1B SIA C . 15.00 -30.17 -44.54
O4 SIA C . 16.74 -27.39 -41.22
O6 SIA C . 18.18 -30.71 -43.16
O7 SIA C . 20.14 -31.42 -41.43
O8 SIA C . 19.39 -34.22 -40.92
O9 SIA C . 18.67 -34.86 -43.58
O10 SIA C . 18.97 -29.09 -38.72
C1 SIA C . 19.39 -34.28 -38.60
C2 SIA C . 18.87 -35.01 -39.83
C3 SIA C . 19.38 -36.45 -39.90
C4 SIA C . 18.55 -37.39 -39.01
C5 SIA C . 17.06 -37.23 -39.32
C6 SIA C . 16.69 -35.78 -39.00
C7 SIA C . 15.22 -35.38 -39.12
C8 SIA C . 15.05 -33.89 -38.80
C9 SIA C . 14.69 -33.04 -40.02
C10 SIA C . 15.76 -39.24 -38.88
C11 SIA C . 15.06 -40.07 -37.84
N5 SIA C . 16.35 -38.13 -38.42
O1A SIA C . 18.62 -33.54 -37.95
O1B SIA C . 20.57 -34.42 -38.28
O4 SIA C . 19.00 -38.73 -39.19
O6 SIA C . 17.44 -34.96 -39.91
O7 SIA C . 14.77 -35.66 -40.45
O8 SIA C . 14.05 -33.65 -37.78
O9 SIA C . 14.96 -31.67 -39.69
O10 SIA C . 15.77 -39.56 -40.06
C1 SIA C . 13.00 -33.30 -35.82
C2 SIA C . 14.30 -33.75 -36.41
C3 SIA C . 15.46 -32.94 -35.87
C4 SIA C . 15.82 -33.16 -34.41
C5 SIA C . 16.10 -34.66 -34.26
C6 SIA C . 14.88 -35.42 -34.74
C7 SIA C . 15.10 -36.93 -34.57
C8 SIA C . 13.83 -37.72 -34.71
C9 SIA C . 13.07 -37.39 -35.90
C10 SIA C . 17.35 -35.49 -32.42
C11 SIA C . 17.33 -35.62 -30.93
N5 SIA C . 16.27 -34.93 -32.88
O1A SIA C . 12.22 -34.19 -35.53
O1B SIA C . 12.76 -32.13 -35.59
O4 SIA C . 16.92 -32.35 -34.08
O6 SIA C . 14.56 -35.11 -36.07
O7 SIA C . 16.06 -37.38 -35.50
O8 SIA C . 14.00 -39.14 -34.70
O9 SIA C . 12.12 -36.68 -35.14
O10 SIA C . 18.27 -35.78 -33.11
#